data_5UI1
#
_entry.id   5UI1
#
_cell.length_a   40.805
_cell.length_b   80.708
_cell.length_c   91.384
_cell.angle_alpha   87.99
_cell.angle_beta   87.10
_cell.angle_gamma   86.33
#
_symmetry.space_group_name_H-M   'P 1'
#
loop_
_entity.id
_entity.type
_entity.pdbx_description
1 polymer 'Serine/threonine-protein phosphatase 5'
2 non-polymer 'MANGANESE (II) ION'
3 non-polymer '5-phenyl-1H-1,2,3-triazole-4-carboxylic acid'
4 water water
#
_entity_poly.entity_id   1
_entity_poly.type   'polypeptide(L)'
_entity_poly.pdbx_seq_one_letter_code
;GASMTIEDEYSGPKLEDGKVTISFMKELMQWYKDQKKLHRKCAYQILVQVKEVLSKLSTLVETTLKETEKITVCGDTHGQ
FYDLLNIFELNGLPSETNPYIFNGDFVDRGSFSVEVILTLFGFKLLYPDHFHLLRGNHETDNMNQIYGFEGEVKAKYTAQ
MYELFSEVFEWLPLAQCINGKVLIMHGGLFSEDGVTLDDIRKIERNRQPPDSGPMCDLLWSDPQPQNGRSISKRGVSCQF
GPDVTKAFLEENNLDYIIRSHEVKAEGYEVAHGGRCVTVFSAPNYCDQMGNKASYIHLQGSDLRPQFHQFTAVPHPNVKP
MAYANTLLQLGMM
;
_entity_poly.pdbx_strand_id   A,B,C,D
#
loop_
_chem_comp.id
_chem_comp.type
_chem_comp.name
_chem_comp.formula
8D4 non-polymer '5-phenyl-1H-1,2,3-triazole-4-carboxylic acid' 'C9 H7 N3 O2'
MN non-polymer 'MANGANESE (II) ION' 'Mn 2'
#
# COMPACT_ATOMS: atom_id res chain seq x y z
N GLY A 12 20.13 25.53 13.49
CA GLY A 12 19.07 26.20 12.69
C GLY A 12 19.51 27.56 12.15
N PRO A 13 18.99 27.97 10.97
CA PRO A 13 19.43 29.25 10.39
C PRO A 13 19.09 30.44 11.28
N LYS A 14 20.05 31.34 11.48
CA LYS A 14 19.87 32.51 12.32
C LYS A 14 20.31 33.78 11.58
N LEU A 15 19.58 34.87 11.81
CA LEU A 15 19.96 36.17 11.27
C LEU A 15 21.20 36.65 11.99
N GLU A 16 21.99 37.46 11.28
CA GLU A 16 23.25 37.98 11.78
C GLU A 16 23.02 39.46 12.08
N ASP A 17 22.99 39.80 13.36
CA ASP A 17 22.56 41.12 13.83
C ASP A 17 21.20 41.52 13.22
N GLY A 18 20.26 40.58 13.26
CA GLY A 18 18.91 40.78 12.74
C GLY A 18 18.83 41.08 11.25
N LYS A 19 19.76 40.55 10.47
CA LYS A 19 19.82 40.80 9.04
C LYS A 19 20.15 39.55 8.21
N VAL A 20 19.51 39.47 7.05
CA VAL A 20 19.72 38.39 6.08
C VAL A 20 21.10 38.55 5.46
N THR A 21 21.82 37.45 5.33
CA THR A 21 23.11 37.39 4.66
C THR A 21 23.10 36.23 3.69
N ILE A 22 24.07 36.21 2.78
CA ILE A 22 24.21 35.10 1.83
C ILE A 22 24.44 33.76 2.56
N SER A 23 25.16 33.81 3.68
CA SER A 23 25.35 32.64 4.54
C SER A 23 24.04 32.07 5.10
N PHE A 24 23.21 32.93 5.66
CA PHE A 24 21.88 32.54 6.17
C PHE A 24 21.01 31.92 5.07
N MET A 25 21.03 32.52 3.89
CA MET A 25 20.20 32.05 2.78
C MET A 25 20.61 30.65 2.32
N LYS A 26 21.91 30.39 2.26
CA LYS A 26 22.39 29.04 1.96
C LYS A 26 21.96 28.03 3.03
N GLU A 27 22.12 28.42 4.30
CA GLU A 27 21.65 27.57 5.41
C GLU A 27 20.15 27.33 5.33
N LEU A 28 19.39 28.39 5.06
CA LEU A 28 17.93 28.29 4.94
C LEU A 28 17.50 27.31 3.86
N MET A 29 18.08 27.42 2.68
CA MET A 29 17.71 26.55 1.57
C MET A 29 18.01 25.08 1.89
N GLN A 30 19.15 24.82 2.55
CA GLN A 30 19.50 23.47 3.00
C GLN A 30 18.57 22.97 4.10
N TRP A 31 18.28 23.83 5.08
CA TRP A 31 17.29 23.55 6.14
C TRP A 31 15.95 23.10 5.52
N TYR A 32 15.48 23.89 4.55
CA TYR A 32 14.23 23.61 3.84
C TYR A 32 14.27 22.38 2.97
N LYS A 33 15.39 22.13 2.30
CA LYS A 33 15.55 20.89 1.53
C LYS A 33 15.32 19.67 2.43
N ASP A 34 15.85 19.73 3.66
CA ASP A 34 15.69 18.69 4.69
C ASP A 34 14.39 18.75 5.52
N GLN A 35 13.38 19.47 5.02
CA GLN A 35 12.03 19.51 5.61
C GLN A 35 11.95 20.01 7.07
N LYS A 36 12.87 20.90 7.42
CA LYS A 36 12.92 21.52 8.74
C LYS A 36 12.29 22.90 8.70
N LYS A 37 11.85 23.38 9.86
CA LYS A 37 11.10 24.61 9.99
C LYS A 37 12.00 25.75 10.46
N LEU A 38 11.88 26.90 9.80
CA LEU A 38 12.58 28.10 10.22
C LEU A 38 11.91 28.61 11.47
N HIS A 39 12.70 28.88 12.50
CA HIS A 39 12.16 29.35 13.79
C HIS A 39 11.22 30.56 13.60
N ARG A 40 10.11 30.57 14.35
CA ARG A 40 9.06 31.60 14.23
C ARG A 40 9.55 33.04 14.33
N LYS A 41 10.52 33.28 15.20
CA LYS A 41 11.14 34.60 15.38
C LYS A 41 11.87 35.06 14.13
N CYS A 42 12.55 34.13 13.45
CA CYS A 42 13.25 34.46 12.20
C CYS A 42 12.26 34.69 11.06
N ALA A 43 11.20 33.87 11.00
CA ALA A 43 10.14 34.05 10.02
C ALA A 43 9.49 35.41 10.21
N TYR A 44 9.13 35.70 11.47
CA TYR A 44 8.55 36.98 11.85
C TYR A 44 9.40 38.16 11.37
N GLN A 45 10.70 38.11 11.67
CA GLN A 45 11.64 39.18 11.28
C GLN A 45 11.78 39.38 9.76
N ILE A 46 11.84 38.26 9.02
CA ILE A 46 11.82 38.31 7.55
C ILE A 46 10.56 39.01 7.05
N LEU A 47 9.42 38.70 7.66
CA LEU A 47 8.15 39.27 7.24
C LEU A 47 8.01 40.76 7.51
N VAL A 48 8.33 41.18 8.74
CA VAL A 48 8.26 42.61 9.08
C VAL A 48 9.26 43.47 8.29
N GLN A 49 10.51 43.01 8.17
CA GLN A 49 11.53 43.70 7.36
C GLN A 49 11.16 43.81 5.86
N VAL A 50 10.67 42.72 5.28
CA VAL A 50 10.31 42.71 3.85
C VAL A 50 9.03 43.52 3.61
N LYS A 51 8.13 43.56 4.61
CA LYS A 51 6.94 44.42 4.52
C LYS A 51 7.34 45.87 4.38
N GLU A 52 8.33 46.29 5.17
CA GLU A 52 8.88 47.65 5.09
C GLU A 52 9.53 47.95 3.73
N VAL A 53 10.25 46.98 3.18
CA VAL A 53 10.87 47.12 1.86
C VAL A 53 9.79 47.27 0.78
N LEU A 54 8.86 46.33 0.75
CA LEU A 54 7.79 46.32 -0.25
C LEU A 54 6.84 47.50 -0.14
N SER A 55 6.55 47.93 1.10
CA SER A 55 5.64 49.07 1.32
C SER A 55 6.13 50.39 0.71
N LYS A 56 7.45 50.52 0.57
CA LYS A 56 8.06 51.72 -0.02
C LYS A 56 8.11 51.72 -1.54
N LEU A 57 7.85 50.57 -2.17
CA LEU A 57 7.91 50.46 -3.64
C LEU A 57 6.64 51.01 -4.28
N SER A 58 6.79 51.46 -5.52
CA SER A 58 5.65 51.84 -6.33
C SER A 58 4.87 50.59 -6.72
N THR A 59 3.61 50.80 -7.04
CA THR A 59 2.77 49.73 -7.54
C THR A 59 3.31 49.24 -8.89
N LEU A 60 3.84 50.17 -9.68
CA LEU A 60 4.60 49.83 -10.89
C LEU A 60 6.10 50.00 -10.60
N VAL A 61 6.83 48.89 -10.51
CA VAL A 61 8.30 48.92 -10.40
C VAL A 61 8.90 49.21 -11.78
N GLU A 62 9.74 50.23 -11.88
CA GLU A 62 10.35 50.62 -13.16
C GLU A 62 11.85 50.42 -13.08
N THR A 63 12.34 49.44 -13.84
CA THR A 63 13.72 48.95 -13.70
C THR A 63 14.46 49.23 -15.00
N THR A 64 15.67 49.77 -14.86
CA THR A 64 16.54 50.01 -16.00
C THR A 64 17.54 48.88 -16.09
N LEU A 65 17.67 48.33 -17.28
CA LEU A 65 18.58 47.25 -17.57
C LEU A 65 19.61 47.80 -18.57
N LYS A 66 20.85 47.97 -18.10
CA LYS A 66 21.97 48.47 -18.93
C LYS A 66 22.36 47.43 -20.00
N GLU A 67 23.14 47.87 -20.97
CA GLU A 67 23.48 47.04 -22.14
C GLU A 67 24.24 45.74 -21.80
N THR A 68 25.05 45.77 -20.75
CA THR A 68 25.78 44.57 -20.31
C THR A 68 25.04 43.69 -19.29
N GLU A 69 23.87 44.15 -18.83
CA GLU A 69 23.09 43.48 -17.78
C GLU A 69 22.02 42.55 -18.34
N LYS A 70 21.69 41.51 -17.57
CA LYS A 70 20.57 40.61 -17.89
C LYS A 70 19.60 40.54 -16.73
N ILE A 71 18.42 39.97 -17.00
CA ILE A 71 17.49 39.61 -15.93
C ILE A 71 16.78 38.31 -16.25
N THR A 72 16.49 37.52 -15.21
CA THR A 72 15.71 36.30 -15.35
C THR A 72 14.28 36.53 -14.87
N VAL A 73 13.31 36.22 -15.72
CA VAL A 73 11.89 36.30 -15.36
C VAL A 73 11.34 34.90 -15.19
N CYS A 74 10.83 34.60 -13.99
CA CYS A 74 10.13 33.35 -13.70
C CYS A 74 8.65 33.62 -13.47
N GLY A 75 7.84 32.63 -13.83
CA GLY A 75 6.40 32.67 -13.61
C GLY A 75 6.03 31.88 -12.38
N ASP A 76 4.80 31.36 -12.37
CA ASP A 76 4.22 30.70 -11.21
C ASP A 76 5.18 29.63 -10.64
N THR A 77 5.30 29.60 -9.32
CA THR A 77 6.05 28.54 -8.62
C THR A 77 5.16 27.65 -7.73
N HIS A 78 4.10 28.22 -7.17
CA HIS A 78 3.03 27.45 -6.48
C HIS A 78 3.55 26.40 -5.49
N GLY A 79 4.39 26.85 -4.55
CA GLY A 79 4.89 25.98 -3.48
C GLY A 79 5.71 24.77 -3.88
N GLN A 80 6.28 24.80 -5.09
CA GLN A 80 7.09 23.68 -5.58
C GLN A 80 8.55 24.01 -5.31
N PHE A 81 8.87 23.96 -4.02
CA PHE A 81 10.14 24.41 -3.49
C PHE A 81 11.35 23.73 -4.11
N TYR A 82 11.21 22.45 -4.42
CA TYR A 82 12.34 21.68 -4.91
C TYR A 82 12.63 22.06 -6.38
N ASP A 83 11.58 22.41 -7.12
CA ASP A 83 11.76 22.98 -8.45
C ASP A 83 12.32 24.40 -8.39
N LEU A 84 11.94 25.18 -7.38
CA LEU A 84 12.56 26.49 -7.17
C LEU A 84 14.08 26.38 -6.96
N LEU A 85 14.54 25.44 -6.12
CA LEU A 85 15.98 25.22 -5.96
C LEU A 85 16.64 24.81 -7.30
N ASN A 86 15.94 24.00 -8.10
CA ASN A 86 16.40 23.58 -9.42
C ASN A 86 16.63 24.75 -10.37
N ILE A 87 15.75 25.74 -10.34
CA ILE A 87 15.93 26.99 -11.09
C ILE A 87 17.27 27.63 -10.74
N PHE A 88 17.55 27.74 -9.44
CA PHE A 88 18.81 28.34 -8.98
C PHE A 88 20.04 27.49 -9.28
N GLU A 89 19.87 26.17 -9.40
CA GLU A 89 20.97 25.31 -9.84
C GLU A 89 21.22 25.40 -11.34
N LEU A 90 20.15 25.53 -12.13
CA LEU A 90 20.28 25.65 -13.59
C LEU A 90 20.73 27.04 -14.02
N ASN A 91 20.25 28.08 -13.33
CA ASN A 91 20.45 29.46 -13.73
C ASN A 91 21.34 30.26 -12.78
N GLY A 92 21.82 29.64 -11.70
CA GLY A 92 22.62 30.33 -10.69
C GLY A 92 21.78 31.00 -9.62
N LEU A 93 22.36 31.13 -8.43
CA LEU A 93 21.69 31.78 -7.32
C LEU A 93 21.45 33.27 -7.66
N PRO A 94 20.44 33.89 -7.04
CA PRO A 94 20.30 35.33 -7.22
C PRO A 94 21.51 36.12 -6.70
N SER A 95 21.82 37.23 -7.36
CA SER A 95 22.82 38.20 -6.86
C SER A 95 22.62 39.53 -7.59
N GLU A 96 23.48 40.50 -7.32
CA GLU A 96 23.52 41.76 -8.09
C GLU A 96 23.87 41.57 -9.56
N THR A 97 24.55 40.49 -9.90
CA THR A 97 24.93 40.17 -11.28
C THR A 97 24.05 39.09 -11.91
N ASN A 98 23.08 38.56 -11.17
CA ASN A 98 22.13 37.57 -11.69
C ASN A 98 20.72 37.85 -11.15
N PRO A 99 20.12 38.99 -11.57
CA PRO A 99 18.82 39.41 -11.02
C PRO A 99 17.63 38.57 -11.48
N TYR A 100 16.58 38.57 -10.66
CA TYR A 100 15.38 37.79 -10.87
C TYR A 100 14.12 38.60 -10.66
N ILE A 101 13.11 38.26 -11.46
CA ILE A 101 11.72 38.63 -11.20
C ILE A 101 10.92 37.33 -11.08
N PHE A 102 10.16 37.18 -9.99
CA PHE A 102 9.19 36.10 -9.85
C PHE A 102 7.80 36.71 -9.90
N ASN A 103 7.03 36.25 -10.88
CA ASN A 103 5.84 36.92 -11.34
C ASN A 103 4.56 36.30 -10.74
N GLY A 104 4.44 36.39 -9.41
CA GLY A 104 3.24 35.97 -8.69
C GLY A 104 3.07 34.47 -8.55
N ASP A 105 2.01 34.09 -7.82
CA ASP A 105 1.63 32.68 -7.60
C ASP A 105 2.77 31.82 -7.05
N PHE A 106 3.34 32.30 -5.96
CA PHE A 106 4.41 31.62 -5.25
C PHE A 106 3.84 30.50 -4.38
N VAL A 107 2.59 30.68 -3.93
CA VAL A 107 1.96 29.83 -2.94
C VAL A 107 0.71 29.15 -3.49
N ASP A 108 0.16 28.24 -2.69
CA ASP A 108 -1.02 27.41 -2.98
C ASP A 108 -0.72 26.29 -3.95
N ARG A 109 -1.50 25.21 -3.83
CA ARG A 109 -1.37 24.00 -4.67
C ARG A 109 -0.20 23.13 -4.24
N GLY A 110 1.02 23.64 -4.39
CA GLY A 110 2.19 22.97 -3.87
C GLY A 110 2.17 22.97 -2.36
N SER A 111 2.70 21.89 -1.79
CA SER A 111 2.71 21.71 -0.33
C SER A 111 4.01 22.15 0.34
N PHE A 112 4.86 22.92 -0.38
CA PHE A 112 6.02 23.58 0.25
C PHE A 112 5.97 25.10 0.01
N SER A 113 4.78 25.68 0.16
CA SER A 113 4.56 27.11 -0.09
C SER A 113 5.29 28.00 0.91
N VAL A 114 5.27 27.61 2.18
CA VAL A 114 5.99 28.34 3.23
C VAL A 114 7.49 28.43 2.89
N GLU A 115 8.04 27.33 2.39
CA GLU A 115 9.48 27.27 2.07
C GLU A 115 9.81 28.13 0.86
N VAL A 116 8.95 28.11 -0.15
CA VAL A 116 9.09 28.99 -1.31
C VAL A 116 9.04 30.46 -0.89
N ILE A 117 7.95 30.86 -0.25
CA ILE A 117 7.73 32.27 0.01
C ILE A 117 8.78 32.86 0.97
N LEU A 118 9.18 32.13 2.00
CA LEU A 118 10.21 32.64 2.92
C LEU A 118 11.59 32.70 2.25
N THR A 119 11.88 31.72 1.39
CA THR A 119 13.06 31.77 0.53
C THR A 119 13.06 33.00 -0.39
N LEU A 120 11.93 33.25 -1.07
CA LEU A 120 11.81 34.45 -1.93
C LEU A 120 11.90 35.78 -1.17
N PHE A 121 11.22 35.88 -0.02
CA PHE A 121 11.33 37.10 0.82
C PHE A 121 12.75 37.30 1.35
N GLY A 122 13.43 36.19 1.66
CA GLY A 122 14.83 36.24 2.11
C GLY A 122 15.74 36.84 1.07
N PHE A 123 15.64 36.35 -0.17
CA PHE A 123 16.42 36.92 -1.28
C PHE A 123 16.03 38.36 -1.60
N LYS A 124 14.77 38.73 -1.38
CA LYS A 124 14.33 40.13 -1.57
C LYS A 124 15.03 41.04 -0.56
N LEU A 125 15.18 40.57 0.67
CA LEU A 125 15.92 41.32 1.71
C LEU A 125 17.43 41.37 1.44
N LEU A 126 18.01 40.32 0.86
CA LEU A 126 19.45 40.27 0.60
C LEU A 126 19.82 41.10 -0.63
N TYR A 127 18.99 41.04 -1.68
CA TYR A 127 19.23 41.78 -2.91
C TYR A 127 17.97 42.59 -3.29
N PRO A 128 17.65 43.63 -2.50
CA PRO A 128 16.42 44.43 -2.71
C PRO A 128 16.28 45.12 -4.06
N ASP A 129 17.39 45.47 -4.70
CA ASP A 129 17.37 46.15 -5.99
C ASP A 129 17.49 45.21 -7.18
N HIS A 130 17.81 43.94 -6.93
CA HIS A 130 18.02 42.94 -7.99
C HIS A 130 17.14 41.69 -7.93
N PHE A 131 16.30 41.57 -6.90
CA PHE A 131 15.42 40.43 -6.74
C PHE A 131 14.03 40.98 -6.54
N HIS A 132 13.16 40.67 -7.49
CA HIS A 132 11.86 41.33 -7.60
C HIS A 132 10.73 40.32 -7.49
N LEU A 133 9.69 40.71 -6.76
CA LEU A 133 8.52 39.88 -6.53
C LEU A 133 7.29 40.68 -6.89
N LEU A 134 6.48 40.15 -7.80
CA LEU A 134 5.23 40.79 -8.20
C LEU A 134 4.07 39.95 -7.69
N ARG A 135 2.98 40.59 -7.28
CA ARG A 135 1.84 39.89 -6.71
C ARG A 135 1.06 39.09 -7.75
N GLY A 136 0.59 37.90 -7.37
CA GLY A 136 -0.37 37.16 -8.20
C GLY A 136 -1.69 37.03 -7.49
N ASN A 137 -2.70 36.54 -8.20
CA ASN A 137 -4.02 36.29 -7.59
C ASN A 137 -3.99 35.27 -6.46
N HIS A 138 -2.99 34.37 -6.46
CA HIS A 138 -2.82 33.47 -5.33
C HIS A 138 -2.10 34.06 -4.13
N GLU A 139 -1.66 35.31 -4.21
CA GLU A 139 -1.23 36.05 -3.01
C GLU A 139 -2.42 36.91 -2.49
N THR A 140 -3.53 36.22 -2.23
CA THR A 140 -4.78 36.83 -1.73
C THR A 140 -5.48 35.84 -0.78
N ASP A 141 -6.39 36.36 0.06
CA ASP A 141 -7.03 35.56 1.12
C ASP A 141 -7.96 34.46 0.58
N ASN A 142 -8.82 34.80 -0.36
CA ASN A 142 -9.78 33.81 -0.90
C ASN A 142 -9.08 32.62 -1.55
N MET A 143 -7.96 32.88 -2.22
CA MET A 143 -7.17 31.80 -2.80
C MET A 143 -6.45 30.99 -1.72
N ASN A 144 -5.75 31.68 -0.81
CA ASN A 144 -5.02 31.01 0.29
C ASN A 144 -5.92 30.13 1.18
N GLN A 145 -7.15 30.59 1.40
CA GLN A 145 -8.14 29.91 2.22
C GLN A 145 -8.60 28.57 1.63
N ILE A 146 -8.72 28.52 0.30
CA ILE A 146 -9.17 27.33 -0.43
C ILE A 146 -8.01 26.42 -0.83
N TYR A 147 -6.90 27.01 -1.28
CA TYR A 147 -5.90 26.27 -2.03
C TYR A 147 -4.61 25.90 -1.27
N GLY A 148 -4.61 26.02 0.06
CA GLY A 148 -3.64 25.33 0.91
C GLY A 148 -2.67 26.15 1.72
N PHE A 149 -2.39 27.40 1.31
CA PHE A 149 -1.38 28.20 2.00
C PHE A 149 -1.80 28.59 3.43
N GLU A 150 -3.05 29.03 3.62
CA GLU A 150 -3.56 29.34 4.96
C GLU A 150 -3.38 28.13 5.90
N GLY A 151 -3.85 26.96 5.44
CA GLY A 151 -3.71 25.70 6.17
C GLY A 151 -2.27 25.34 6.48
N GLU A 152 -1.40 25.51 5.48
CA GLU A 152 0.02 25.20 5.63
C GLU A 152 0.69 26.09 6.66
N VAL A 153 0.37 27.39 6.61
CA VAL A 153 0.91 28.34 7.59
C VAL A 153 0.37 28.02 9.00
N LYS A 154 -0.93 27.73 9.10
CA LYS A 154 -1.52 27.31 10.38
C LYS A 154 -0.94 25.99 10.91
N ALA A 155 -0.64 25.05 10.00
CA ALA A 155 -0.03 23.76 10.39
C ALA A 155 1.40 23.93 10.91
N LYS A 156 2.18 24.76 10.23
CA LYS A 156 3.59 24.95 10.56
C LYS A 156 3.84 26.03 11.61
N TYR A 157 3.00 27.06 11.65
CA TYR A 157 3.18 28.19 12.56
C TYR A 157 1.89 28.41 13.36
N THR A 158 1.18 29.51 13.11
CA THR A 158 -0.05 29.87 13.83
C THR A 158 -0.97 30.62 12.87
N ALA A 159 -2.24 30.76 13.23
CA ALA A 159 -3.17 31.61 12.48
C ALA A 159 -2.69 33.06 12.39
N GLN A 160 -2.10 33.57 13.47
CA GLN A 160 -1.54 34.93 13.47
C GLN A 160 -0.42 35.13 12.46
N MET A 161 0.44 34.12 12.30
CA MET A 161 1.50 34.17 11.29
C MET A 161 0.91 34.33 9.89
N TYR A 162 -0.21 33.66 9.63
CA TYR A 162 -0.90 33.80 8.34
C TYR A 162 -1.41 35.22 8.11
N GLU A 163 -2.03 35.84 9.12
CA GLU A 163 -2.52 37.23 9.00
C GLU A 163 -1.38 38.16 8.60
N LEU A 164 -0.19 37.93 9.17
CA LEU A 164 1.00 38.70 8.81
C LEU A 164 1.45 38.47 7.34
N PHE A 165 1.40 37.22 6.87
CA PHE A 165 1.70 36.91 5.44
C PHE A 165 0.74 37.66 4.52
N SER A 166 -0.56 37.57 4.82
CA SER A 166 -1.61 38.29 4.06
C SER A 166 -1.28 39.77 3.96
N GLU A 167 -0.88 40.36 5.09
CA GLU A 167 -0.57 41.78 5.16
C GLU A 167 0.73 42.16 4.41
N VAL A 168 1.69 41.23 4.36
CA VAL A 168 2.90 41.40 3.53
C VAL A 168 2.56 41.29 2.02
N PHE A 169 1.75 40.29 1.65
CA PHE A 169 1.27 40.13 0.28
C PHE A 169 0.61 41.39 -0.31
N GLU A 170 -0.13 42.10 0.53
CA GLU A 170 -0.76 43.36 0.16
C GLU A 170 0.17 44.49 -0.31
N TRP A 171 1.42 44.47 0.12
CA TRP A 171 2.42 45.44 -0.32
C TRP A 171 3.28 44.99 -1.53
N LEU A 172 3.04 43.78 -2.04
CA LEU A 172 3.73 43.33 -3.27
C LEU A 172 3.31 44.21 -4.46
N PRO A 173 4.29 44.72 -5.24
CA PRO A 173 3.89 45.46 -6.46
C PRO A 173 3.04 44.63 -7.44
N LEU A 174 2.35 45.32 -8.34
CA LEU A 174 1.44 44.67 -9.29
C LEU A 174 1.99 44.53 -10.70
N ALA A 175 3.04 45.27 -11.03
CA ALA A 175 3.70 45.14 -12.33
C ALA A 175 5.09 45.74 -12.30
N GLN A 176 5.89 45.36 -13.29
CA GLN A 176 7.24 45.84 -13.44
C GLN A 176 7.48 46.19 -14.90
N CYS A 177 8.08 47.35 -15.15
CA CYS A 177 8.39 47.77 -16.53
C CYS A 177 9.90 47.86 -16.68
N ILE A 178 10.41 47.17 -17.71
CA ILE A 178 11.84 47.13 -18.01
C ILE A 178 12.14 48.08 -19.17
N ASN A 179 13.02 49.06 -18.93
CA ASN A 179 13.49 50.01 -19.95
C ASN A 179 12.37 50.70 -20.73
N GLY A 180 11.24 50.94 -20.07
CA GLY A 180 10.05 51.53 -20.70
C GLY A 180 9.45 50.73 -21.85
N LYS A 181 9.76 49.44 -21.93
CA LYS A 181 9.44 48.65 -23.12
C LYS A 181 8.82 47.27 -22.88
N VAL A 182 9.18 46.60 -21.79
CA VAL A 182 8.55 45.33 -21.45
C VAL A 182 7.79 45.53 -20.14
N LEU A 183 6.49 45.21 -20.14
CA LEU A 183 5.65 45.32 -18.95
C LEU A 183 5.33 43.92 -18.45
N ILE A 184 5.61 43.66 -17.17
CA ILE A 184 5.41 42.36 -16.59
C ILE A 184 4.30 42.48 -15.55
N MET A 185 3.27 41.66 -15.67
CA MET A 185 2.24 41.51 -14.63
C MET A 185 1.82 40.05 -14.55
N HIS A 186 1.14 39.68 -13.48
CA HIS A 186 0.82 38.29 -13.27
C HIS A 186 -0.24 37.74 -14.24
N GLY A 187 -1.40 38.41 -14.25
CA GLY A 187 -2.55 38.03 -15.06
C GLY A 187 -2.47 38.58 -16.46
N GLY A 188 -2.81 39.85 -16.63
CA GLY A 188 -2.72 40.44 -17.95
C GLY A 188 -3.24 41.87 -18.05
N LEU A 189 -3.86 42.16 -19.19
CA LEU A 189 -4.34 43.49 -19.53
C LEU A 189 -5.80 43.68 -19.10
N PHE A 190 -6.43 44.76 -19.56
CA PHE A 190 -7.57 45.32 -18.87
C PHE A 190 -8.92 45.13 -19.56
N SER A 191 -9.97 45.12 -18.74
CA SER A 191 -11.34 44.90 -19.21
C SER A 191 -11.93 46.16 -19.86
N GLU A 192 -11.32 47.33 -19.59
CA GLU A 192 -11.70 48.59 -20.21
C GLU A 192 -10.53 49.13 -21.01
N ASP A 193 -10.86 49.91 -22.05
CA ASP A 193 -9.87 50.56 -22.89
C ASP A 193 -9.38 51.83 -22.23
N GLY A 194 -8.16 52.22 -22.60
CA GLY A 194 -7.57 53.49 -22.18
C GLY A 194 -6.83 53.49 -20.86
N VAL A 195 -6.57 52.31 -20.30
CA VAL A 195 -5.79 52.19 -19.06
C VAL A 195 -4.33 52.41 -19.43
N THR A 196 -3.63 53.20 -18.62
CA THR A 196 -2.23 53.55 -18.88
C THR A 196 -1.32 53.24 -17.70
N LEU A 197 -0.02 53.28 -17.96
CA LEU A 197 1.00 53.09 -16.92
C LEU A 197 0.78 54.01 -15.71
N ASP A 198 0.34 55.24 -15.98
CA ASP A 198 -0.03 56.20 -14.94
C ASP A 198 -1.09 55.64 -13.97
N ASP A 199 -2.13 55.03 -14.53
CA ASP A 199 -3.17 54.38 -13.72
C ASP A 199 -2.60 53.27 -12.84
N ILE A 200 -1.67 52.48 -13.39
CA ILE A 200 -1.07 51.38 -12.64
C ILE A 200 -0.26 51.96 -11.50
N ARG A 201 0.61 52.94 -11.80
CA ARG A 201 1.38 53.65 -10.78
C ARG A 201 0.51 54.15 -9.61
N LYS A 202 -0.69 54.65 -9.91
CA LYS A 202 -1.62 55.22 -8.91
C LYS A 202 -2.56 54.24 -8.18
N ILE A 203 -2.55 52.95 -8.52
CA ILE A 203 -3.31 51.96 -7.74
C ILE A 203 -2.80 51.92 -6.30
N GLU A 204 -3.69 52.17 -5.35
CA GLU A 204 -3.41 51.98 -3.93
C GLU A 204 -3.62 50.49 -3.68
N ARG A 205 -2.51 49.77 -3.56
CA ARG A 205 -2.50 48.30 -3.72
C ARG A 205 -2.57 47.49 -2.43
N ASN A 206 -2.33 48.14 -1.28
CA ASN A 206 -2.35 47.47 0.03
C ASN A 206 -3.76 47.05 0.48
N ARG A 207 -4.25 45.96 -0.11
CA ARG A 207 -5.62 45.49 0.08
C ARG A 207 -5.84 44.16 -0.63
N GLN A 208 -7.01 43.56 -0.41
CA GLN A 208 -7.46 42.47 -1.27
C GLN A 208 -8.00 43.09 -2.55
N PRO A 209 -7.77 42.43 -3.69
CA PRO A 209 -8.21 43.06 -4.94
C PRO A 209 -9.72 43.28 -5.01
N PRO A 210 -10.15 44.34 -5.72
CA PRO A 210 -11.58 44.56 -5.88
C PRO A 210 -12.18 43.51 -6.82
N ASP A 211 -13.52 43.49 -6.88
CA ASP A 211 -14.23 42.52 -7.70
C ASP A 211 -14.00 42.82 -9.18
N SER A 212 -13.90 44.11 -9.51
CA SER A 212 -13.46 44.55 -10.84
C SER A 212 -12.62 45.81 -10.76
N GLY A 213 -11.89 46.09 -11.83
CA GLY A 213 -10.99 47.24 -11.90
C GLY A 213 -9.59 46.84 -12.32
N PRO A 214 -8.69 47.83 -12.50
CA PRO A 214 -7.33 47.57 -12.96
C PRO A 214 -6.53 46.58 -12.09
N MET A 215 -6.65 46.69 -10.78
CA MET A 215 -5.95 45.80 -9.83
C MET A 215 -6.38 44.36 -9.99
N CYS A 216 -7.69 44.14 -10.17
CA CYS A 216 -8.25 42.83 -10.47
C CYS A 216 -7.72 42.27 -11.78
N ASP A 217 -7.77 43.08 -12.84
CA ASP A 217 -7.29 42.64 -14.16
C ASP A 217 -5.82 42.23 -14.17
N LEU A 218 -4.97 43.03 -13.50
CA LEU A 218 -3.54 42.71 -13.45
C LEU A 218 -3.27 41.35 -12.82
N LEU A 219 -4.12 40.93 -11.88
CA LEU A 219 -3.96 39.63 -11.21
C LEU A 219 -4.68 38.44 -11.85
N TRP A 220 -5.72 38.70 -12.66
CA TRP A 220 -6.69 37.68 -13.06
C TRP A 220 -6.93 37.45 -14.57
N SER A 221 -6.65 38.43 -15.43
CA SER A 221 -7.05 38.33 -16.84
C SER A 221 -6.21 37.33 -17.65
N ASP A 222 -6.75 36.93 -18.80
CA ASP A 222 -6.12 35.93 -19.68
C ASP A 222 -6.18 36.32 -21.15
N PRO A 223 -5.10 36.05 -21.92
CA PRO A 223 -5.22 36.24 -23.36
C PRO A 223 -6.14 35.20 -24.02
N GLN A 224 -6.77 35.60 -25.13
CA GLN A 224 -7.54 34.70 -26.00
C GLN A 224 -7.10 34.98 -27.44
N PRO A 225 -7.19 33.99 -28.33
CA PRO A 225 -6.72 34.22 -29.70
C PRO A 225 -7.61 35.19 -30.51
N GLN A 226 -8.91 35.18 -30.25
CA GLN A 226 -9.86 35.98 -31.03
C GLN A 226 -9.96 37.42 -30.50
N ASN A 227 -10.25 38.35 -31.41
CA ASN A 227 -10.30 39.78 -31.10
C ASN A 227 -11.38 40.13 -30.09
N GLY A 228 -11.17 41.25 -29.39
CA GLY A 228 -12.12 41.78 -28.41
C GLY A 228 -11.93 41.15 -27.05
N ARG A 229 -12.98 41.20 -26.24
CA ARG A 229 -12.96 40.65 -24.89
C ARG A 229 -14.09 39.64 -24.73
N SER A 230 -13.95 38.78 -23.72
CA SER A 230 -14.98 37.83 -23.33
C SER A 230 -15.07 37.75 -21.82
N ILE A 231 -16.22 37.35 -21.31
CA ILE A 231 -16.38 37.05 -19.89
C ILE A 231 -15.36 35.96 -19.54
N SER A 232 -14.77 36.06 -18.35
CA SER A 232 -13.78 35.10 -17.92
C SER A 232 -14.44 33.83 -17.41
N LYS A 233 -13.80 32.70 -17.70
CA LYS A 233 -14.19 31.40 -17.11
C LYS A 233 -13.98 31.42 -15.60
N ARG A 234 -13.04 32.24 -15.14
CA ARG A 234 -12.72 32.38 -13.72
C ARG A 234 -13.77 33.13 -12.91
N GLY A 235 -14.66 33.87 -13.57
CA GLY A 235 -15.73 34.58 -12.88
C GLY A 235 -15.42 36.02 -12.52
N VAL A 236 -14.15 36.42 -12.63
CA VAL A 236 -13.73 37.82 -12.49
C VAL A 236 -12.81 38.19 -13.65
N SER A 237 -12.67 39.49 -13.88
CA SER A 237 -11.80 40.03 -14.94
C SER A 237 -12.30 39.59 -16.32
N CYS A 238 -11.40 39.48 -17.30
CA CYS A 238 -11.80 39.16 -18.65
C CYS A 238 -10.76 38.32 -19.36
N GLN A 239 -11.17 37.78 -20.50
CA GLN A 239 -10.25 37.34 -21.54
C GLN A 239 -10.08 38.52 -22.49
N PHE A 240 -8.87 38.73 -23.00
CA PHE A 240 -8.56 39.85 -23.89
C PHE A 240 -7.86 39.36 -25.15
N GLY A 241 -8.25 39.93 -26.30
CA GLY A 241 -7.72 39.50 -27.61
C GLY A 241 -6.46 40.23 -28.11
N PRO A 242 -5.93 39.83 -29.29
CA PRO A 242 -4.72 40.45 -29.86
C PRO A 242 -4.82 41.94 -30.14
N ASP A 243 -6.00 42.40 -30.57
CA ASP A 243 -6.23 43.82 -30.80
C ASP A 243 -6.18 44.63 -29.49
N VAL A 244 -6.65 44.02 -28.40
CA VAL A 244 -6.58 44.62 -27.07
C VAL A 244 -5.10 44.84 -26.68
N THR A 245 -4.28 43.80 -26.84
CA THR A 245 -2.85 43.90 -26.55
C THR A 245 -2.16 44.94 -27.42
N LYS A 246 -2.39 44.88 -28.73
CA LYS A 246 -1.78 45.80 -29.70
C LYS A 246 -2.03 47.27 -29.33
N ALA A 247 -3.30 47.60 -29.06
CA ALA A 247 -3.71 48.96 -28.71
C ALA A 247 -3.08 49.42 -27.39
N PHE A 248 -3.16 48.58 -26.36
CA PHE A 248 -2.55 48.92 -25.06
C PHE A 248 -1.05 49.25 -25.20
N LEU A 249 -0.32 48.39 -25.92
CA LEU A 249 1.13 48.57 -26.11
C LEU A 249 1.49 49.82 -26.93
N GLU A 250 0.70 50.08 -27.98
CA GLU A 250 0.91 51.30 -28.79
C GLU A 250 0.63 52.56 -27.98
N GLU A 251 -0.45 52.54 -27.20
CA GLU A 251 -0.82 53.69 -26.36
C GLU A 251 0.17 53.97 -25.23
N ASN A 252 0.89 52.96 -24.76
CA ASN A 252 1.87 53.13 -23.68
C ASN A 252 3.34 53.02 -24.12
N ASN A 253 3.58 53.05 -25.42
CA ASN A 253 4.94 53.00 -25.99
C ASN A 253 5.75 51.79 -25.51
N LEU A 254 5.11 50.63 -25.52
CA LEU A 254 5.72 49.37 -25.07
C LEU A 254 5.87 48.40 -26.23
N ASP A 255 6.83 47.47 -26.11
CA ASP A 255 7.07 46.46 -27.14
C ASP A 255 6.19 45.23 -26.93
N TYR A 256 6.21 44.65 -25.73
CA TYR A 256 5.38 43.48 -25.43
C TYR A 256 5.16 43.31 -23.92
N ILE A 257 4.29 42.37 -23.56
CA ILE A 257 4.07 42.01 -22.14
C ILE A 257 4.50 40.59 -21.84
N ILE A 258 4.96 40.38 -20.60
CA ILE A 258 5.22 39.05 -20.07
C ILE A 258 4.25 38.85 -18.92
N ARG A 259 3.50 37.73 -18.99
CA ARG A 259 2.51 37.38 -17.99
C ARG A 259 2.76 35.94 -17.55
N SER A 260 2.03 35.50 -16.54
CA SER A 260 2.17 34.12 -16.04
C SER A 260 0.77 33.51 -15.84
N HIS A 261 0.38 33.12 -14.61
CA HIS A 261 -1.05 32.87 -14.26
C HIS A 261 -1.55 31.50 -14.66
N GLU A 262 -1.45 31.18 -15.95
CA GLU A 262 -1.91 29.90 -16.53
C GLU A 262 -0.81 28.87 -16.71
N VAL A 263 -1.10 27.63 -16.33
CA VAL A 263 -0.26 26.48 -16.69
C VAL A 263 -0.15 26.36 -18.21
N LYS A 264 1.03 26.04 -18.71
CA LYS A 264 1.24 25.72 -20.11
C LYS A 264 2.09 24.47 -20.23
N ALA A 265 1.71 23.59 -21.16
CA ALA A 265 2.41 22.29 -21.38
C ALA A 265 3.91 22.44 -21.64
N GLU A 266 4.28 23.47 -22.39
CA GLU A 266 5.69 23.76 -22.68
C GLU A 266 6.37 24.71 -21.67
N GLY A 267 5.64 25.16 -20.66
CA GLY A 267 6.15 26.13 -19.69
C GLY A 267 6.11 27.58 -20.16
N TYR A 268 5.77 27.80 -21.43
CA TYR A 268 5.62 29.14 -21.99
C TYR A 268 4.70 29.14 -23.22
N GLU A 269 4.17 30.31 -23.54
CA GLU A 269 3.41 30.52 -24.76
C GLU A 269 3.70 31.90 -25.34
N VAL A 270 3.81 31.98 -26.67
CA VAL A 270 4.00 33.22 -27.39
C VAL A 270 2.74 33.48 -28.22
N ALA A 271 1.92 34.42 -27.74
CA ALA A 271 0.61 34.70 -28.33
C ALA A 271 0.55 36.12 -28.87
N HIS A 272 -0.55 36.44 -29.56
CA HIS A 272 -0.86 37.79 -30.02
C HIS A 272 0.24 38.40 -30.89
N GLY A 273 0.78 37.59 -31.81
CA GLY A 273 1.82 38.03 -32.74
C GLY A 273 3.20 38.25 -32.14
N GLY A 274 3.48 37.61 -31.01
CA GLY A 274 4.72 37.86 -30.24
C GLY A 274 4.59 38.90 -29.14
N ARG A 275 3.39 39.44 -28.94
CA ARG A 275 3.18 40.58 -28.03
C ARG A 275 2.66 40.22 -26.65
N CYS A 276 2.09 39.01 -26.49
CA CYS A 276 1.71 38.48 -25.20
C CYS A 276 2.43 37.16 -24.94
N VAL A 277 3.43 37.21 -24.06
CA VAL A 277 4.21 36.03 -23.70
C VAL A 277 3.76 35.54 -22.34
N THR A 278 3.53 34.23 -22.23
CA THR A 278 3.30 33.59 -20.94
C THR A 278 4.55 32.84 -20.50
N VAL A 279 4.87 32.96 -19.20
CA VAL A 279 5.96 32.19 -18.60
C VAL A 279 5.43 31.53 -17.33
N PHE A 280 5.70 30.23 -17.18
CA PHE A 280 5.15 29.41 -16.10
C PHE A 280 6.27 28.52 -15.60
N SER A 281 6.56 28.62 -14.30
CA SER A 281 7.80 28.04 -13.73
C SER A 281 7.57 26.88 -12.74
N ALA A 282 6.43 26.20 -12.88
CA ALA A 282 6.04 25.09 -12.00
C ALA A 282 5.94 23.80 -12.83
N PRO A 283 7.05 23.05 -12.96
CA PRO A 283 6.99 21.87 -13.82
C PRO A 283 6.19 20.75 -13.16
N ASN A 284 5.60 19.89 -13.99
CA ASN A 284 4.74 18.80 -13.55
C ASN A 284 3.79 19.27 -12.46
N TYR A 285 2.96 20.23 -12.86
CA TYR A 285 2.18 21.02 -11.94
C TYR A 285 1.25 20.16 -11.09
N CYS A 286 1.34 20.33 -9.76
CA CYS A 286 0.59 19.53 -8.77
C CYS A 286 0.88 18.03 -8.89
N ASP A 287 2.13 17.68 -9.21
CA ASP A 287 2.54 16.30 -9.52
C ASP A 287 1.67 15.54 -10.53
N GLN A 288 0.88 16.27 -11.32
CA GLN A 288 -0.20 15.67 -12.13
C GLN A 288 -0.19 16.09 -13.60
N MET A 289 0.24 17.30 -13.92
CA MET A 289 -0.01 17.87 -15.24
C MET A 289 1.01 17.48 -16.29
N GLY A 290 2.21 17.05 -15.88
CA GLY A 290 3.25 16.61 -16.82
C GLY A 290 3.81 17.67 -17.77
N ASN A 291 3.57 18.95 -17.44
CA ASN A 291 4.07 20.07 -18.21
C ASN A 291 5.54 20.34 -17.91
N LYS A 292 6.24 20.89 -18.90
CA LYS A 292 7.53 21.50 -18.65
C LYS A 292 7.30 22.89 -18.09
N ALA A 293 8.32 23.42 -17.42
CA ALA A 293 8.34 24.78 -16.94
C ALA A 293 9.36 25.54 -17.75
N SER A 294 9.33 26.87 -17.63
CA SER A 294 10.37 27.71 -18.22
C SER A 294 10.67 28.97 -17.41
N TYR A 295 11.88 29.50 -17.62
CA TYR A 295 12.25 30.87 -17.24
C TYR A 295 12.76 31.61 -18.48
N ILE A 296 12.74 32.94 -18.40
CA ILE A 296 13.13 33.82 -19.51
C ILE A 296 14.38 34.61 -19.14
N HIS A 297 15.31 34.73 -20.09
CA HIS A 297 16.40 35.73 -20.02
C HIS A 297 16.06 36.92 -20.91
N LEU A 298 16.28 38.11 -20.36
CA LEU A 298 16.25 39.36 -21.11
C LEU A 298 17.59 40.06 -20.90
N GLN A 299 18.06 40.78 -21.92
CA GLN A 299 19.31 41.54 -21.86
C GLN A 299 19.04 42.99 -22.20
N GLY A 300 19.86 43.90 -21.66
CA GLY A 300 19.72 45.33 -21.95
C GLY A 300 19.95 45.68 -23.42
N SER A 301 20.88 45.00 -24.05
CA SER A 301 21.16 45.16 -25.49
C SER A 301 20.10 44.53 -26.38
N ASP A 302 19.36 43.56 -25.84
CA ASP A 302 18.32 42.84 -26.58
C ASP A 302 17.21 42.43 -25.62
N LEU A 303 16.09 43.14 -25.65
CA LEU A 303 14.94 42.84 -24.78
C LEU A 303 14.06 41.67 -25.27
N ARG A 304 14.44 41.01 -26.37
CA ARG A 304 13.67 39.86 -26.87
C ARG A 304 13.82 38.67 -25.89
N PRO A 305 12.72 37.94 -25.62
CA PRO A 305 12.77 36.86 -24.63
C PRO A 305 13.52 35.62 -25.14
N GLN A 306 14.45 35.10 -24.34
CA GLN A 306 15.06 33.80 -24.59
C GLN A 306 14.56 32.79 -23.55
N PHE A 307 13.86 31.76 -24.03
CA PHE A 307 13.22 30.79 -23.16
C PHE A 307 14.17 29.65 -22.79
N HIS A 308 14.07 29.20 -21.54
CA HIS A 308 14.83 28.06 -21.04
C HIS A 308 13.85 27.12 -20.35
N GLN A 309 13.65 25.95 -20.97
CA GLN A 309 12.67 24.97 -20.50
C GLN A 309 13.27 23.98 -19.50
N PHE A 310 12.47 23.55 -18.54
CA PHE A 310 12.94 22.59 -17.54
C PHE A 310 11.84 21.69 -16.97
N THR A 311 12.28 20.52 -16.51
CA THR A 311 11.42 19.46 -16.04
C THR A 311 11.56 19.31 -14.52
N ALA A 312 10.56 18.70 -13.92
CA ALA A 312 10.46 18.59 -12.47
C ALA A 312 11.56 17.70 -11.89
N VAL A 313 11.95 18.02 -10.66
CA VAL A 313 12.93 17.22 -9.90
C VAL A 313 12.20 16.49 -8.79
N PRO A 314 12.82 15.45 -8.18
CA PRO A 314 12.11 14.77 -7.10
C PRO A 314 11.91 15.66 -5.86
N HIS A 315 10.86 15.39 -5.10
CA HIS A 315 10.62 16.06 -3.83
C HIS A 315 10.15 15.05 -2.79
N PRO A 316 10.22 15.38 -1.49
CA PRO A 316 9.73 14.47 -0.44
C PRO A 316 8.28 14.08 -0.60
N ASN A 317 7.92 12.99 0.06
CA ASN A 317 6.61 12.39 -0.11
C ASN A 317 5.53 13.14 0.69
N VAL A 318 5.13 14.28 0.13
CA VAL A 318 4.04 15.10 0.65
C VAL A 318 3.22 15.50 -0.56
N LYS A 319 1.98 15.05 -0.62
CA LYS A 319 1.16 15.21 -1.83
C LYS A 319 0.69 16.67 -2.01
N PRO A 320 0.32 17.06 -3.25
CA PRO A 320 -0.24 18.40 -3.50
C PRO A 320 -1.50 18.66 -2.67
N MET A 321 -1.64 19.91 -2.22
CA MET A 321 -2.81 20.37 -1.46
C MET A 321 -3.04 19.66 -0.13
N ALA A 322 -2.00 19.02 0.43
CA ALA A 322 -2.09 18.30 1.71
C ALA A 322 -2.69 19.19 2.80
N TYR A 323 -2.31 20.47 2.78
CA TYR A 323 -2.87 21.49 3.67
C TYR A 323 -4.02 22.18 2.93
N GLY B 12 -34.95 13.10 -34.76
CA GLY B 12 -33.70 12.40 -34.32
C GLY B 12 -33.79 10.88 -34.41
N PRO B 13 -32.67 10.17 -34.15
CA PRO B 13 -32.66 8.70 -34.22
C PRO B 13 -33.68 8.06 -33.30
N LYS B 14 -34.49 7.16 -33.86
CA LYS B 14 -35.53 6.45 -33.13
C LYS B 14 -35.15 4.98 -33.05
N LEU B 15 -35.48 4.35 -31.93
CA LEU B 15 -35.37 2.89 -31.79
C LEU B 15 -36.39 2.23 -32.72
N GLU B 16 -36.03 1.08 -33.27
CA GLU B 16 -36.94 0.29 -34.10
C GLU B 16 -37.70 -0.62 -33.15
N ASP B 17 -38.97 -0.26 -32.92
CA ASP B 17 -39.87 -0.99 -31.99
C ASP B 17 -39.24 -1.19 -30.60
N GLY B 18 -38.62 -0.14 -30.09
CA GLY B 18 -38.01 -0.15 -28.77
C GLY B 18 -36.76 -1.01 -28.63
N LYS B 19 -36.13 -1.35 -29.76
CA LYS B 19 -34.93 -2.20 -29.79
C LYS B 19 -33.80 -1.45 -30.47
N VAL B 20 -32.59 -1.64 -29.96
CA VAL B 20 -31.38 -1.10 -30.57
C VAL B 20 -31.04 -1.94 -31.81
N THR B 21 -30.63 -1.26 -32.87
CA THR B 21 -30.23 -1.89 -34.12
C THR B 21 -28.96 -1.22 -34.63
N ILE B 22 -28.23 -1.90 -35.52
CA ILE B 22 -27.00 -1.34 -36.09
C ILE B 22 -27.26 0.00 -36.78
N SER B 23 -28.37 0.06 -37.53
CA SER B 23 -28.81 1.29 -38.19
C SER B 23 -29.02 2.44 -37.18
N PHE B 24 -29.69 2.16 -36.07
CA PHE B 24 -29.87 3.17 -35.01
C PHE B 24 -28.52 3.68 -34.47
N MET B 25 -27.61 2.77 -34.17
CA MET B 25 -26.28 3.14 -33.65
C MET B 25 -25.51 4.05 -34.58
N LYS B 26 -25.58 3.79 -35.90
CA LYS B 26 -24.93 4.65 -36.88
C LYS B 26 -25.56 6.04 -36.90
N GLU B 27 -26.90 6.08 -36.92
CA GLU B 27 -27.62 7.36 -36.84
C GLU B 27 -27.29 8.11 -35.55
N LEU B 28 -27.24 7.39 -34.43
CA LEU B 28 -26.88 7.97 -33.13
C LEU B 28 -25.49 8.58 -33.13
N MET B 29 -24.51 7.81 -33.58
CA MET B 29 -23.13 8.28 -33.62
C MET B 29 -22.98 9.54 -34.47
N GLN B 30 -23.67 9.59 -35.61
CA GLN B 30 -23.66 10.78 -36.48
C GLN B 30 -24.44 11.95 -35.85
N TRP B 31 -25.58 11.67 -35.23
CA TRP B 31 -26.41 12.67 -34.54
C TRP B 31 -25.60 13.33 -33.43
N TYR B 32 -24.91 12.49 -32.64
CA TYR B 32 -24.00 12.99 -31.62
C TYR B 32 -22.82 13.77 -32.20
N LYS B 33 -22.22 13.27 -33.29
CA LYS B 33 -21.14 13.98 -33.98
C LYS B 33 -21.52 15.43 -34.31
N ASP B 34 -22.77 15.64 -34.74
CA ASP B 34 -23.33 16.97 -35.00
C ASP B 34 -23.94 17.68 -33.77
N GLN B 35 -23.52 17.28 -32.56
CA GLN B 35 -23.94 17.91 -31.31
C GLN B 35 -25.45 18.00 -31.09
N LYS B 36 -26.17 16.94 -31.46
CA LYS B 36 -27.60 16.86 -31.21
C LYS B 36 -27.93 15.84 -30.10
N LYS B 37 -29.14 15.93 -29.56
CA LYS B 37 -29.56 15.14 -28.40
C LYS B 37 -30.51 14.00 -28.77
N LEU B 38 -30.35 12.86 -28.11
CA LEU B 38 -31.23 11.72 -28.27
C LEU B 38 -32.51 11.96 -27.48
N HIS B 39 -33.66 11.74 -28.13
CA HIS B 39 -34.96 11.88 -27.47
C HIS B 39 -34.97 11.12 -26.13
N ARG B 40 -35.44 11.77 -25.07
CA ARG B 40 -35.31 11.25 -23.71
C ARG B 40 -36.05 9.93 -23.44
N LYS B 41 -37.12 9.68 -24.18
CA LYS B 41 -37.79 8.37 -24.17
C LYS B 41 -36.93 7.24 -24.75
N CYS B 42 -36.13 7.55 -25.78
CA CYS B 42 -35.15 6.60 -26.31
C CYS B 42 -33.96 6.41 -25.37
N ALA B 43 -33.50 7.50 -24.73
CA ALA B 43 -32.43 7.42 -23.71
C ALA B 43 -32.90 6.65 -22.48
N TYR B 44 -34.12 6.95 -22.04
CA TYR B 44 -34.77 6.18 -20.99
C TYR B 44 -34.79 4.68 -21.30
N GLN B 45 -35.22 4.33 -22.52
CA GLN B 45 -35.34 2.92 -22.94
C GLN B 45 -34.00 2.19 -22.95
N ILE B 46 -32.95 2.86 -23.43
CA ILE B 46 -31.60 2.29 -23.45
C ILE B 46 -31.16 2.02 -22.01
N LEU B 47 -31.41 2.99 -21.12
CA LEU B 47 -30.98 2.88 -19.74
C LEU B 47 -31.67 1.76 -18.98
N VAL B 48 -33.01 1.70 -19.10
CA VAL B 48 -33.77 0.63 -18.44
C VAL B 48 -33.43 -0.75 -19.01
N GLN B 49 -33.27 -0.85 -20.33
CA GLN B 49 -32.89 -2.12 -20.95
C GLN B 49 -31.48 -2.56 -20.55
N VAL B 50 -30.53 -1.63 -20.57
CA VAL B 50 -29.13 -1.95 -20.22
C VAL B 50 -29.01 -2.27 -18.71
N LYS B 51 -29.83 -1.61 -17.88
CA LYS B 51 -29.94 -1.97 -16.47
C LYS B 51 -30.32 -3.44 -16.30
N GLU B 52 -31.31 -3.91 -17.07
CA GLU B 52 -31.74 -5.31 -17.02
C GLU B 52 -30.58 -6.23 -17.41
N VAL B 53 -29.89 -5.92 -18.51
CA VAL B 53 -28.78 -6.73 -19.02
C VAL B 53 -27.64 -6.78 -17.99
N LEU B 54 -27.24 -5.62 -17.48
CA LEU B 54 -26.12 -5.55 -16.54
C LEU B 54 -26.40 -6.26 -15.19
N SER B 55 -27.65 -6.17 -14.72
CA SER B 55 -28.05 -6.78 -13.46
C SER B 55 -27.99 -8.31 -13.44
N LYS B 56 -28.06 -8.95 -14.61
CA LYS B 56 -27.93 -10.42 -14.71
C LYS B 56 -26.50 -10.92 -14.84
N LEU B 57 -25.53 -9.99 -14.92
CA LEU B 57 -24.13 -10.35 -15.00
C LEU B 57 -23.56 -10.52 -13.61
N SER B 58 -22.56 -11.39 -13.50
CA SER B 58 -21.81 -11.56 -12.26
C SER B 58 -20.93 -10.33 -12.04
N THR B 59 -20.58 -10.07 -10.78
CA THR B 59 -19.58 -9.05 -10.47
C THR B 59 -18.26 -9.31 -11.18
N LEU B 60 -17.88 -10.58 -11.27
CA LEU B 60 -16.78 -11.03 -12.12
C LEU B 60 -17.33 -11.64 -13.41
N VAL B 61 -17.17 -10.95 -14.53
CA VAL B 61 -17.55 -11.50 -15.84
C VAL B 61 -16.45 -12.47 -16.30
N GLU B 62 -16.82 -13.71 -16.58
CA GLU B 62 -15.87 -14.73 -17.01
C GLU B 62 -16.14 -15.03 -18.45
N THR B 63 -15.14 -14.80 -19.30
CA THR B 63 -15.28 -14.83 -20.74
C THR B 63 -14.29 -15.84 -21.33
N THR B 64 -14.73 -16.52 -22.39
CA THR B 64 -13.86 -17.43 -23.15
C THR B 64 -13.44 -16.80 -24.48
N LEU B 65 -12.14 -16.90 -24.80
CA LEU B 65 -11.58 -16.55 -26.10
C LEU B 65 -10.97 -17.81 -26.73
N LYS B 66 -11.58 -18.28 -27.82
CA LYS B 66 -11.03 -19.41 -28.59
C LYS B 66 -9.70 -19.03 -29.26
N GLU B 67 -8.96 -20.04 -29.69
CA GLU B 67 -7.65 -19.88 -30.36
C GLU B 67 -7.68 -18.91 -31.57
N THR B 68 -8.85 -18.81 -32.23
CA THR B 68 -9.01 -18.02 -33.44
C THR B 68 -9.72 -16.69 -33.25
N GLU B 69 -10.13 -16.39 -32.02
CA GLU B 69 -10.90 -15.17 -31.72
C GLU B 69 -9.98 -14.12 -31.13
N LYS B 70 -10.50 -12.89 -31.08
CA LYS B 70 -9.76 -11.74 -30.57
C LYS B 70 -10.69 -10.86 -29.74
N ILE B 71 -10.10 -9.93 -29.00
CA ILE B 71 -10.86 -8.89 -28.29
C ILE B 71 -10.02 -7.61 -28.22
N THR B 72 -10.68 -6.45 -28.24
CA THR B 72 -10.01 -5.17 -28.06
C THR B 72 -10.31 -4.69 -26.66
N VAL B 73 -9.26 -4.37 -25.90
CA VAL B 73 -9.42 -3.80 -24.55
C VAL B 73 -9.03 -2.33 -24.61
N CYS B 74 -9.99 -1.47 -24.25
CA CYS B 74 -9.78 -0.03 -24.15
C CYS B 74 -9.83 0.41 -22.70
N GLY B 75 -9.08 1.45 -22.39
CA GLY B 75 -9.08 2.05 -21.06
C GLY B 75 -9.99 3.27 -21.00
N ASP B 76 -9.67 4.17 -20.07
CA ASP B 76 -10.45 5.40 -19.81
C ASP B 76 -10.79 6.15 -21.10
N THR B 77 -12.05 6.59 -21.22
CA THR B 77 -12.44 7.47 -22.34
C THR B 77 -12.89 8.86 -21.89
N HIS B 78 -13.41 8.97 -20.66
CA HIS B 78 -13.63 10.27 -20.02
C HIS B 78 -14.32 11.31 -20.90
N GLY B 79 -15.41 10.89 -21.52
CA GLY B 79 -16.26 11.81 -22.27
C GLY B 79 -15.67 12.37 -23.55
N GLN B 80 -14.58 11.78 -24.04
CA GLN B 80 -13.96 12.24 -25.27
C GLN B 80 -14.56 11.50 -26.45
N PHE B 81 -15.80 11.86 -26.77
CA PHE B 81 -16.62 11.14 -27.76
C PHE B 81 -15.99 11.05 -29.16
N TYR B 82 -15.32 12.13 -29.58
CA TYR B 82 -14.77 12.21 -30.93
C TYR B 82 -13.55 11.32 -31.02
N ASP B 83 -12.84 11.15 -29.91
CA ASP B 83 -11.79 10.15 -29.80
C ASP B 83 -12.33 8.72 -29.74
N LEU B 84 -13.49 8.53 -29.11
CA LEU B 84 -14.18 7.22 -29.15
C LEU B 84 -14.54 6.83 -30.59
N LEU B 85 -15.12 7.75 -31.36
CA LEU B 85 -15.41 7.51 -32.79
C LEU B 85 -14.15 7.15 -33.55
N ASN B 86 -13.05 7.84 -33.24
CA ASN B 86 -11.75 7.52 -33.83
C ASN B 86 -11.24 6.10 -33.55
N ILE B 87 -11.43 5.61 -32.32
CA ILE B 87 -11.13 4.19 -32.01
C ILE B 87 -11.89 3.27 -32.97
N PHE B 88 -13.17 3.56 -33.17
CA PHE B 88 -14.01 2.76 -34.08
C PHE B 88 -13.61 2.87 -35.56
N GLU B 89 -13.06 4.01 -35.95
CA GLU B 89 -12.54 4.15 -37.31
C GLU B 89 -11.21 3.41 -37.48
N LEU B 90 -10.33 3.51 -36.49
CA LEU B 90 -9.04 2.83 -36.54
C LEU B 90 -9.15 1.32 -36.43
N ASN B 91 -10.03 0.86 -35.54
CA ASN B 91 -10.09 -0.54 -35.15
C ASN B 91 -11.33 -1.30 -35.63
N GLY B 92 -12.25 -0.60 -36.30
CA GLY B 92 -13.51 -1.19 -36.79
C GLY B 92 -14.61 -1.03 -35.75
N LEU B 93 -15.85 -0.98 -36.22
CA LEU B 93 -17.00 -0.92 -35.30
C LEU B 93 -17.06 -2.20 -34.47
N PRO B 94 -17.69 -2.12 -33.27
CA PRO B 94 -17.88 -3.37 -32.54
C PRO B 94 -18.85 -4.31 -33.28
N SER B 95 -18.67 -5.62 -33.11
CA SER B 95 -19.57 -6.66 -33.64
C SER B 95 -19.24 -7.99 -32.96
N GLU B 96 -19.93 -9.05 -33.35
CA GLU B 96 -19.60 -10.41 -32.86
C GLU B 96 -18.22 -10.90 -33.33
N THR B 97 -17.72 -10.38 -34.44
CA THR B 97 -16.37 -10.69 -34.92
C THR B 97 -15.34 -9.61 -34.52
N ASN B 98 -15.78 -8.57 -33.81
CA ASN B 98 -14.90 -7.51 -33.34
C ASN B 98 -15.31 -7.09 -31.91
N PRO B 99 -14.99 -7.95 -30.91
CA PRO B 99 -15.40 -7.68 -29.54
C PRO B 99 -14.56 -6.61 -28.86
N TYR B 100 -15.14 -5.96 -27.84
CA TYR B 100 -14.51 -4.85 -27.13
C TYR B 100 -14.77 -4.98 -25.64
N ILE B 101 -13.79 -4.55 -24.84
CA ILE B 101 -13.98 -4.26 -23.42
C ILE B 101 -13.61 -2.80 -23.21
N PHE B 102 -14.47 -2.01 -22.59
CA PHE B 102 -14.10 -0.66 -22.15
C PHE B 102 -14.01 -0.67 -20.62
N ASN B 103 -12.81 -0.38 -20.10
CA ASN B 103 -12.45 -0.65 -18.72
C ASN B 103 -12.68 0.56 -17.78
N GLY B 104 -13.92 1.04 -17.73
CA GLY B 104 -14.32 2.12 -16.81
C GLY B 104 -13.86 3.52 -17.20
N ASP B 105 -14.25 4.49 -16.35
CA ASP B 105 -13.98 5.91 -16.55
C ASP B 105 -14.44 6.37 -17.94
N PHE B 106 -15.73 6.15 -18.20
CA PHE B 106 -16.39 6.51 -19.45
C PHE B 106 -16.77 7.99 -19.44
N VAL B 107 -17.12 8.50 -18.24
CA VAL B 107 -17.72 9.82 -18.05
C VAL B 107 -16.80 10.72 -17.20
N ASP B 108 -17.20 11.98 -17.04
CA ASP B 108 -16.45 13.01 -16.30
C ASP B 108 -15.20 13.50 -17.03
N ARG B 109 -14.86 14.75 -16.72
CA ARG B 109 -13.78 15.52 -17.33
C ARG B 109 -14.16 15.99 -18.73
N GLY B 110 -14.23 15.07 -19.69
CA GLY B 110 -14.65 15.42 -21.05
C GLY B 110 -16.11 15.82 -21.06
N SER B 111 -16.44 16.78 -21.92
CA SER B 111 -17.77 17.39 -21.97
C SER B 111 -18.72 16.79 -23.03
N PHE B 112 -18.41 15.58 -23.50
CA PHE B 112 -19.34 14.78 -24.30
C PHE B 112 -19.57 13.42 -23.63
N SER B 113 -19.76 13.44 -22.30
CA SER B 113 -19.90 12.23 -21.50
C SER B 113 -21.21 11.48 -21.80
N VAL B 114 -22.31 12.24 -21.91
CA VAL B 114 -23.61 11.69 -22.29
C VAL B 114 -23.51 10.92 -23.61
N GLU B 115 -22.79 11.51 -24.56
CA GLU B 115 -22.62 10.93 -25.88
C GLU B 115 -21.76 9.67 -25.82
N VAL B 116 -20.66 9.71 -25.07
CA VAL B 116 -19.84 8.50 -24.85
C VAL B 116 -20.70 7.38 -24.26
N ILE B 117 -21.37 7.66 -23.13
CA ILE B 117 -22.00 6.60 -22.34
C ILE B 117 -23.22 6.00 -23.02
N LEU B 118 -24.06 6.83 -23.67
CA LEU B 118 -25.24 6.30 -24.36
C LEU B 118 -24.85 5.53 -25.63
N THR B 119 -23.75 5.90 -26.27
CA THR B 119 -23.21 5.13 -27.38
C THR B 119 -22.71 3.78 -26.88
N LEU B 120 -21.97 3.77 -25.77
CA LEU B 120 -21.46 2.52 -25.18
C LEU B 120 -22.58 1.62 -24.71
N PHE B 121 -23.58 2.18 -24.03
CA PHE B 121 -24.74 1.40 -23.61
C PHE B 121 -25.55 0.87 -24.79
N GLY B 122 -25.70 1.69 -25.83
CA GLY B 122 -26.27 1.25 -27.10
C GLY B 122 -25.59 0.02 -27.67
N PHE B 123 -24.26 0.05 -27.76
CA PHE B 123 -23.51 -1.12 -28.28
C PHE B 123 -23.56 -2.34 -27.36
N LYS B 124 -23.65 -2.12 -26.04
CA LYS B 124 -23.84 -3.22 -25.09
C LYS B 124 -25.16 -3.94 -25.35
N LEU B 125 -26.22 -3.19 -25.62
CA LEU B 125 -27.54 -3.76 -25.95
C LEU B 125 -27.55 -4.49 -27.30
N LEU B 126 -26.83 -3.95 -28.27
CA LEU B 126 -26.76 -4.56 -29.60
C LEU B 126 -25.89 -5.83 -29.62
N TYR B 127 -24.77 -5.80 -28.89
CA TYR B 127 -23.86 -6.95 -28.82
C TYR B 127 -23.56 -7.32 -27.35
N PRO B 128 -24.56 -7.88 -26.64
CA PRO B 128 -24.42 -8.13 -25.19
C PRO B 128 -23.33 -9.12 -24.78
N ASP B 129 -22.97 -10.05 -25.66
CA ASP B 129 -21.95 -11.06 -25.35
C ASP B 129 -20.56 -10.69 -25.89
N HIS B 130 -20.50 -9.64 -26.71
CA HIS B 130 -19.26 -9.23 -27.37
C HIS B 130 -18.80 -7.81 -27.07
N PHE B 131 -19.60 -7.04 -26.32
CA PHE B 131 -19.28 -5.67 -26.00
C PHE B 131 -19.41 -5.47 -24.48
N HIS B 132 -18.28 -5.29 -23.83
CA HIS B 132 -18.21 -5.40 -22.38
C HIS B 132 -17.84 -4.08 -21.73
N LEU B 133 -18.47 -3.79 -20.61
CA LEU B 133 -18.28 -2.56 -19.86
C LEU B 133 -18.00 -2.89 -18.39
N LEU B 134 -16.90 -2.36 -17.87
CA LEU B 134 -16.54 -2.55 -16.46
C LEU B 134 -16.63 -1.20 -15.76
N ARG B 135 -17.00 -1.21 -14.49
CA ARG B 135 -17.15 0.04 -13.74
C ARG B 135 -15.78 0.60 -13.41
N GLY B 136 -15.66 1.93 -13.50
CA GLY B 136 -14.51 2.65 -12.93
C GLY B 136 -14.98 3.52 -11.78
N ASN B 137 -14.03 4.14 -11.09
CA ASN B 137 -14.37 5.00 -9.94
C ASN B 137 -15.15 6.23 -10.34
N HIS B 138 -15.06 6.62 -11.61
CA HIS B 138 -15.83 7.75 -12.14
C HIS B 138 -17.26 7.41 -12.54
N GLU B 139 -17.65 6.13 -12.49
CA GLU B 139 -19.06 5.73 -12.60
C GLU B 139 -19.66 5.59 -11.19
N THR B 140 -19.55 6.66 -10.41
CA THR B 140 -20.03 6.75 -9.02
C THR B 140 -20.55 8.16 -8.82
N ASP B 141 -21.52 8.32 -7.90
CA ASP B 141 -22.15 9.61 -7.66
C ASP B 141 -21.16 10.70 -7.23
N ASN B 142 -20.30 10.40 -6.25
CA ASN B 142 -19.34 11.37 -5.72
C ASN B 142 -18.46 12.02 -6.78
N MET B 143 -18.00 11.22 -7.75
CA MET B 143 -17.19 11.76 -8.84
C MET B 143 -18.04 12.52 -9.86
N ASN B 144 -19.18 11.96 -10.26
CA ASN B 144 -20.12 12.65 -11.17
C ASN B 144 -20.57 14.02 -10.70
N GLN B 145 -20.82 14.15 -9.39
CA GLN B 145 -21.21 15.43 -8.79
C GLN B 145 -20.18 16.53 -9.05
N ILE B 146 -18.90 16.17 -9.05
CA ILE B 146 -17.78 17.12 -9.12
C ILE B 146 -17.17 17.31 -10.51
N TYR B 147 -16.96 16.22 -11.25
CA TYR B 147 -16.11 16.25 -12.44
C TYR B 147 -16.82 16.36 -13.80
N GLY B 148 -18.14 16.57 -13.78
CA GLY B 148 -18.87 17.05 -14.96
C GLY B 148 -20.15 16.33 -15.34
N PHE B 149 -20.23 15.04 -15.08
CA PHE B 149 -21.30 14.20 -15.66
C PHE B 149 -22.69 14.52 -15.09
N GLU B 150 -22.79 14.71 -13.77
CA GLU B 150 -24.07 15.07 -13.17
C GLU B 150 -24.61 16.38 -13.74
N GLY B 151 -23.73 17.36 -13.83
CA GLY B 151 -24.06 18.64 -14.44
C GLY B 151 -24.45 18.51 -15.89
N GLU B 152 -23.73 17.68 -16.64
CA GLU B 152 -24.04 17.46 -18.05
C GLU B 152 -25.43 16.84 -18.24
N VAL B 153 -25.72 15.79 -17.46
CA VAL B 153 -26.99 15.10 -17.53
C VAL B 153 -28.12 16.03 -17.07
N LYS B 154 -27.85 16.88 -16.07
CA LYS B 154 -28.84 17.86 -15.61
C LYS B 154 -29.08 18.95 -16.65
N ALA B 155 -28.03 19.34 -17.37
CA ALA B 155 -28.17 20.32 -18.47
C ALA B 155 -28.91 19.75 -19.68
N LYS B 156 -28.52 18.55 -20.09
CA LYS B 156 -29.08 17.93 -21.30
C LYS B 156 -30.43 17.25 -21.08
N TYR B 157 -30.60 16.62 -19.91
CA TYR B 157 -31.84 15.95 -19.53
C TYR B 157 -32.42 16.53 -18.21
N THR B 158 -32.49 15.74 -17.14
CA THR B 158 -33.08 16.13 -15.87
C THR B 158 -32.35 15.43 -14.71
N ALA B 159 -32.67 15.84 -13.48
CA ALA B 159 -32.18 15.15 -12.28
C ALA B 159 -32.60 13.68 -12.25
N GLN B 160 -33.84 13.39 -12.68
CA GLN B 160 -34.33 12.01 -12.75
C GLN B 160 -33.54 11.12 -13.72
N MET B 161 -33.16 11.67 -14.88
CA MET B 161 -32.32 10.93 -15.82
C MET B 161 -30.97 10.60 -15.18
N TYR B 162 -30.41 11.52 -14.39
CA TYR B 162 -29.13 11.31 -13.69
C TYR B 162 -29.21 10.18 -12.66
N GLU B 163 -30.28 10.19 -11.86
CA GLU B 163 -30.52 9.08 -10.93
C GLU B 163 -30.65 7.75 -11.65
N LEU B 164 -31.25 7.73 -12.84
CA LEU B 164 -31.29 6.49 -13.63
C LEU B 164 -29.87 6.04 -14.03
N PHE B 165 -29.07 6.97 -14.55
CA PHE B 165 -27.65 6.69 -14.86
C PHE B 165 -26.91 6.11 -13.66
N SER B 166 -27.07 6.76 -12.50
CA SER B 166 -26.49 6.30 -11.23
C SER B 166 -26.84 4.86 -10.92
N GLU B 167 -28.13 4.54 -11.04
CA GLU B 167 -28.62 3.18 -10.82
C GLU B 167 -28.05 2.20 -11.83
N VAL B 168 -27.96 2.60 -13.08
CA VAL B 168 -27.38 1.76 -14.13
C VAL B 168 -25.91 1.46 -13.81
N PHE B 169 -25.16 2.49 -13.40
CA PHE B 169 -23.73 2.33 -13.08
C PHE B 169 -23.46 1.34 -11.97
N GLU B 170 -24.38 1.28 -11.00
CA GLU B 170 -24.28 0.34 -9.88
C GLU B 170 -24.33 -1.13 -10.32
N TRP B 171 -24.92 -1.41 -11.49
CA TRP B 171 -24.93 -2.77 -12.05
C TRP B 171 -23.76 -3.12 -12.98
N LEU B 172 -22.90 -2.16 -13.31
CA LEU B 172 -21.70 -2.47 -14.09
C LEU B 172 -20.82 -3.46 -13.32
N PRO B 173 -20.36 -4.55 -13.98
CA PRO B 173 -19.44 -5.49 -13.32
C PRO B 173 -18.15 -4.81 -12.88
N LEU B 174 -17.49 -5.37 -11.89
CA LEU B 174 -16.24 -4.80 -11.36
C LEU B 174 -14.96 -5.41 -11.97
N ALA B 175 -15.05 -6.58 -12.59
CA ALA B 175 -13.87 -7.22 -13.20
C ALA B 175 -14.25 -8.23 -14.26
N GLN B 176 -13.31 -8.50 -15.17
CA GLN B 176 -13.50 -9.49 -16.24
C GLN B 176 -12.30 -10.40 -16.36
N CYS B 177 -12.53 -11.72 -16.44
CA CYS B 177 -11.44 -12.69 -16.58
C CYS B 177 -11.55 -13.43 -17.90
N ILE B 178 -10.50 -13.37 -18.71
CA ILE B 178 -10.44 -14.03 -20.01
C ILE B 178 -9.72 -15.36 -19.86
N ASN B 179 -10.41 -16.46 -20.22
CA ASN B 179 -9.83 -17.82 -20.17
C ASN B 179 -9.16 -18.23 -18.86
N GLY B 180 -9.65 -17.70 -17.73
CA GLY B 180 -8.99 -17.93 -16.43
C GLY B 180 -7.54 -17.47 -16.32
N LYS B 181 -7.11 -16.58 -17.21
CA LYS B 181 -5.69 -16.23 -17.31
C LYS B 181 -5.37 -14.74 -17.22
N VAL B 182 -6.26 -13.87 -17.69
CA VAL B 182 -6.04 -12.43 -17.67
C VAL B 182 -7.21 -11.80 -16.91
N LEU B 183 -6.89 -11.07 -15.85
CA LEU B 183 -7.89 -10.34 -15.08
C LEU B 183 -7.84 -8.88 -15.46
N ILE B 184 -9.01 -8.32 -15.78
CA ILE B 184 -9.17 -6.93 -16.15
C ILE B 184 -10.02 -6.23 -15.09
N MET B 185 -9.47 -5.19 -14.46
CA MET B 185 -10.24 -4.30 -13.58
C MET B 185 -9.83 -2.87 -13.85
N HIS B 186 -10.59 -1.93 -13.32
CA HIS B 186 -10.32 -0.54 -13.60
C HIS B 186 -9.08 0.00 -12.87
N GLY B 187 -9.12 -0.11 -11.54
CA GLY B 187 -8.07 0.39 -10.66
C GLY B 187 -6.94 -0.60 -10.55
N GLY B 188 -7.09 -1.60 -9.71
CA GLY B 188 -6.08 -2.63 -9.57
C GLY B 188 -6.36 -3.64 -8.49
N LEU B 189 -5.30 -4.08 -7.83
CA LEU B 189 -5.33 -5.14 -6.83
C LEU B 189 -5.53 -4.57 -5.43
N PHE B 190 -5.37 -5.40 -4.40
CA PHE B 190 -6.02 -5.17 -3.09
C PHE B 190 -5.07 -4.75 -1.98
N SER B 191 -5.65 -4.04 -1.01
CA SER B 191 -4.93 -3.56 0.17
C SER B 191 -4.62 -4.68 1.16
N GLU B 192 -5.29 -5.82 1.01
CA GLU B 192 -5.07 -6.98 1.86
C GLU B 192 -4.69 -8.18 1.01
N ASP B 193 -4.00 -9.12 1.63
CA ASP B 193 -3.54 -10.35 0.95
C ASP B 193 -4.65 -11.40 0.90
N GLY B 194 -4.53 -12.32 -0.05
CA GLY B 194 -5.39 -13.49 -0.12
C GLY B 194 -6.78 -13.30 -0.72
N VAL B 195 -7.00 -12.19 -1.41
CA VAL B 195 -8.26 -11.97 -2.09
C VAL B 195 -8.26 -12.84 -3.34
N THR B 196 -9.34 -13.60 -3.55
CA THR B 196 -9.43 -14.54 -4.65
C THR B 196 -10.47 -14.10 -5.66
N LEU B 197 -10.47 -14.78 -6.80
CA LEU B 197 -11.46 -14.53 -7.84
C LEU B 197 -12.88 -14.72 -7.28
N ASP B 198 -13.06 -15.74 -6.46
CA ASP B 198 -14.37 -16.01 -5.83
C ASP B 198 -14.83 -14.90 -4.92
N ASP B 199 -13.91 -14.28 -4.18
CA ASP B 199 -14.23 -13.10 -3.38
C ASP B 199 -14.80 -11.98 -4.25
N ILE B 200 -14.25 -11.82 -5.45
CA ILE B 200 -14.70 -10.79 -6.38
C ILE B 200 -16.10 -11.13 -6.92
N ARG B 201 -16.30 -12.39 -7.34
CA ARG B 201 -17.63 -12.88 -7.77
C ARG B 201 -18.75 -12.57 -6.77
N LYS B 202 -18.45 -12.74 -5.48
CA LYS B 202 -19.44 -12.57 -4.42
C LYS B 202 -19.61 -11.15 -3.89
N ILE B 203 -18.85 -10.17 -4.40
CA ILE B 203 -19.06 -8.77 -4.04
C ILE B 203 -20.47 -8.35 -4.46
N GLU B 204 -21.25 -7.87 -3.49
CA GLU B 204 -22.56 -7.28 -3.74
C GLU B 204 -22.33 -5.87 -4.26
N ARG B 205 -22.38 -5.72 -5.59
CA ARG B 205 -21.88 -4.51 -6.25
C ARG B 205 -22.88 -3.40 -6.49
N ASN B 206 -24.18 -3.69 -6.40
CA ASN B 206 -25.20 -2.70 -6.77
C ASN B 206 -25.39 -1.61 -5.69
N ARG B 207 -24.40 -0.73 -5.66
CA ARG B 207 -24.26 0.30 -4.64
C ARG B 207 -23.09 1.26 -4.97
N GLN B 208 -22.96 2.31 -4.17
CA GLN B 208 -21.79 3.18 -4.27
C GLN B 208 -20.63 2.51 -3.53
N PRO B 209 -19.41 2.58 -4.09
CA PRO B 209 -18.32 1.84 -3.46
C PRO B 209 -17.99 2.37 -2.04
N PRO B 210 -17.55 1.48 -1.14
CA PRO B 210 -17.15 1.89 0.20
C PRO B 210 -15.80 2.62 0.20
N ASP B 211 -15.47 3.24 1.33
CA ASP B 211 -14.19 3.96 1.50
C ASP B 211 -12.96 3.06 1.58
N SER B 212 -13.17 1.77 1.81
CA SER B 212 -12.07 0.80 1.82
C SER B 212 -12.65 -0.56 1.50
N GLY B 213 -11.79 -1.54 1.25
CA GLY B 213 -12.21 -2.89 0.96
C GLY B 213 -12.08 -3.26 -0.51
N PRO B 214 -12.41 -4.52 -0.86
CA PRO B 214 -12.22 -5.05 -2.22
C PRO B 214 -12.89 -4.26 -3.35
N MET B 215 -14.11 -3.80 -3.13
CA MET B 215 -14.83 -3.00 -4.12
C MET B 215 -14.12 -1.67 -4.35
N CYS B 216 -13.69 -1.04 -3.26
CA CYS B 216 -12.87 0.17 -3.31
C CYS B 216 -11.60 -0.05 -4.14
N ASP B 217 -10.84 -1.07 -3.79
CA ASP B 217 -9.54 -1.36 -4.41
C ASP B 217 -9.62 -1.62 -5.91
N LEU B 218 -10.58 -2.44 -6.32
CA LEU B 218 -10.85 -2.69 -7.75
C LEU B 218 -11.04 -1.44 -8.59
N LEU B 219 -11.67 -0.41 -8.00
CA LEU B 219 -11.95 0.84 -8.69
C LEU B 219 -10.91 1.95 -8.50
N TRP B 220 -10.05 1.84 -7.48
CA TRP B 220 -9.21 2.96 -7.02
C TRP B 220 -7.68 2.75 -6.94
N SER B 221 -7.20 1.52 -6.78
CA SER B 221 -5.77 1.29 -6.49
C SER B 221 -4.87 1.52 -7.71
N ASP B 222 -3.57 1.68 -7.43
CA ASP B 222 -2.54 1.93 -8.46
C ASP B 222 -1.32 1.03 -8.22
N PRO B 223 -0.65 0.61 -9.31
CA PRO B 223 0.62 -0.09 -9.12
C PRO B 223 1.70 0.90 -8.70
N GLN B 224 2.72 0.42 -7.99
CA GLN B 224 3.94 1.19 -7.71
C GLN B 224 5.15 0.32 -8.08
N PRO B 225 6.31 0.95 -8.39
CA PRO B 225 7.49 0.16 -8.77
C PRO B 225 8.09 -0.69 -7.64
N GLN B 226 8.10 -0.17 -6.41
CA GLN B 226 8.72 -0.87 -5.27
C GLN B 226 7.79 -1.91 -4.64
N ASN B 227 8.39 -2.89 -3.98
CA ASN B 227 7.65 -3.96 -3.32
C ASN B 227 6.81 -3.45 -2.15
N GLY B 228 5.78 -4.22 -1.84
CA GLY B 228 4.89 -3.94 -0.71
C GLY B 228 3.72 -3.08 -1.11
N ARG B 229 3.11 -2.43 -0.11
CA ARG B 229 2.04 -1.48 -0.34
C ARG B 229 2.36 -0.14 0.30
N SER B 230 1.74 0.92 -0.23
CA SER B 230 1.81 2.26 0.36
C SER B 230 0.40 2.81 0.46
N ILE B 231 0.27 3.79 1.34
CA ILE B 231 -0.96 4.60 1.42
C ILE B 231 -1.08 5.32 0.08
N SER B 232 -2.30 5.46 -0.41
CA SER B 232 -2.53 6.04 -1.72
C SER B 232 -2.50 7.55 -1.64
N LYS B 233 -1.95 8.17 -2.66
CA LYS B 233 -1.98 9.63 -2.81
C LYS B 233 -3.41 10.14 -3.02
N ARG B 234 -4.30 9.27 -3.50
CA ARG B 234 -5.69 9.64 -3.76
C ARG B 234 -6.53 9.79 -2.49
N GLY B 235 -6.07 9.22 -1.37
CA GLY B 235 -6.82 9.28 -0.11
C GLY B 235 -7.72 8.09 0.16
N VAL B 236 -7.77 7.13 -0.78
CA VAL B 236 -8.45 5.85 -0.58
C VAL B 236 -7.66 4.75 -1.28
N SER B 237 -7.86 3.52 -0.83
CA SER B 237 -7.19 2.35 -1.38
C SER B 237 -5.66 2.46 -1.18
N CYS B 238 -4.88 1.77 -2.00
CA CYS B 238 -3.45 1.67 -1.81
C CYS B 238 -2.69 1.70 -3.14
N GLN B 239 -1.37 1.83 -3.01
CA GLN B 239 -0.44 1.50 -4.08
C GLN B 239 0.07 0.09 -3.79
N PHE B 240 0.09 -0.77 -4.82
CA PHE B 240 0.54 -2.16 -4.68
C PHE B 240 1.76 -2.40 -5.57
N GLY B 241 2.72 -3.18 -5.08
CA GLY B 241 3.99 -3.42 -5.76
C GLY B 241 4.07 -4.75 -6.50
N PRO B 242 5.20 -5.02 -7.18
CA PRO B 242 5.37 -6.24 -8.01
C PRO B 242 5.10 -7.55 -7.27
N ASP B 243 5.59 -7.65 -6.04
CA ASP B 243 5.36 -8.83 -5.18
C ASP B 243 3.87 -9.05 -4.89
N VAL B 244 3.14 -7.97 -4.63
CA VAL B 244 1.70 -8.06 -4.38
C VAL B 244 1.01 -8.64 -5.62
N THR B 245 1.35 -8.12 -6.79
CA THR B 245 0.79 -8.63 -8.04
C THR B 245 1.11 -10.11 -8.25
N LYS B 246 2.38 -10.45 -8.11
CA LYS B 246 2.87 -11.82 -8.28
C LYS B 246 2.12 -12.80 -7.39
N ALA B 247 1.94 -12.43 -6.11
CA ALA B 247 1.25 -13.28 -5.13
C ALA B 247 -0.23 -13.47 -5.49
N PHE B 248 -0.89 -12.39 -5.90
CA PHE B 248 -2.29 -12.48 -6.38
C PHE B 248 -2.42 -13.37 -7.62
N LEU B 249 -1.52 -13.21 -8.58
CA LEU B 249 -1.56 -14.01 -9.80
C LEU B 249 -1.35 -15.50 -9.53
N GLU B 250 -0.37 -15.81 -8.68
CA GLU B 250 -0.05 -17.21 -8.34
C GLU B 250 -1.20 -17.93 -7.64
N GLU B 251 -1.81 -17.27 -6.66
CA GLU B 251 -2.93 -17.87 -5.93
C GLU B 251 -4.15 -18.11 -6.81
N ASN B 252 -4.38 -17.24 -7.80
CA ASN B 252 -5.55 -17.33 -8.68
C ASN B 252 -5.28 -17.90 -10.06
N ASN B 253 -4.09 -18.48 -10.26
CA ASN B 253 -3.70 -19.12 -11.53
C ASN B 253 -3.80 -18.20 -12.75
N LEU B 254 -3.40 -16.94 -12.57
CA LEU B 254 -3.50 -15.93 -13.61
C LEU B 254 -2.10 -15.62 -14.16
N ASP B 255 -2.05 -15.17 -15.42
CA ASP B 255 -0.78 -14.75 -16.04
C ASP B 255 -0.45 -13.29 -15.74
N TYR B 256 -1.42 -12.40 -15.96
CA TYR B 256 -1.24 -10.97 -15.69
C TYR B 256 -2.57 -10.24 -15.56
N ILE B 257 -2.50 -8.97 -15.18
CA ILE B 257 -3.68 -8.11 -15.14
C ILE B 257 -3.58 -6.95 -16.14
N ILE B 258 -4.74 -6.50 -16.62
CA ILE B 258 -4.87 -5.24 -17.34
C ILE B 258 -5.72 -4.27 -16.50
N ARG B 259 -5.23 -3.06 -16.35
CA ARG B 259 -5.89 -2.02 -15.57
C ARG B 259 -5.88 -0.74 -16.38
N SER B 260 -6.60 0.27 -15.92
CA SER B 260 -6.63 1.57 -16.60
C SER B 260 -6.42 2.67 -15.56
N HIS B 261 -7.39 3.57 -15.35
CA HIS B 261 -7.43 4.46 -14.16
C HIS B 261 -6.52 5.70 -14.33
N GLU B 262 -5.22 5.47 -14.54
CA GLU B 262 -4.22 6.55 -14.67
C GLU B 262 -3.88 6.97 -16.10
N VAL B 263 -3.70 8.29 -16.27
CA VAL B 263 -3.18 8.84 -17.52
C VAL B 263 -1.78 8.30 -17.72
N LYS B 264 -1.46 7.93 -18.96
CA LYS B 264 -0.10 7.52 -19.32
C LYS B 264 0.32 8.25 -20.59
N ALA B 265 1.54 8.80 -20.56
CA ALA B 265 2.09 9.57 -21.69
C ALA B 265 2.01 8.83 -23.03
N GLU B 266 2.31 7.53 -23.00
CA GLU B 266 2.30 6.69 -24.20
C GLU B 266 0.98 5.97 -24.45
N GLY B 267 -0.02 6.19 -23.60
CA GLY B 267 -1.30 5.46 -23.66
C GLY B 267 -1.29 4.06 -23.06
N TYR B 268 -0.13 3.57 -22.63
CA TYR B 268 -0.02 2.30 -21.96
C TYR B 268 1.27 2.25 -21.14
N GLU B 269 1.35 1.26 -20.25
CA GLU B 269 2.54 1.03 -19.46
C GLU B 269 2.57 -0.40 -18.97
N VAL B 270 3.65 -1.10 -19.31
CA VAL B 270 3.89 -2.46 -18.86
C VAL B 270 4.77 -2.37 -17.60
N ALA B 271 4.29 -2.93 -16.49
CA ALA B 271 4.93 -2.81 -15.20
C ALA B 271 4.99 -4.15 -14.49
N HIS B 272 5.69 -4.17 -13.35
CA HIS B 272 5.75 -5.33 -12.46
C HIS B 272 6.27 -6.58 -13.18
N GLY B 273 7.31 -6.41 -13.99
CA GLY B 273 7.90 -7.49 -14.78
C GLY B 273 6.97 -8.03 -15.84
N GLY B 274 6.13 -7.16 -16.41
CA GLY B 274 5.10 -7.57 -17.35
C GLY B 274 3.80 -8.11 -16.77
N ARG B 275 3.65 -8.06 -15.44
CA ARG B 275 2.48 -8.62 -14.74
C ARG B 275 1.32 -7.62 -14.57
N CYS B 276 1.60 -6.32 -14.60
CA CYS B 276 0.57 -5.28 -14.49
C CYS B 276 0.65 -4.32 -15.67
N VAL B 277 -0.30 -4.44 -16.59
CA VAL B 277 -0.40 -3.54 -17.75
C VAL B 277 -1.45 -2.47 -17.47
N THR B 278 -1.12 -1.20 -17.75
CA THR B 278 -2.10 -0.10 -17.76
C THR B 278 -2.47 0.23 -19.21
N VAL B 279 -3.76 0.40 -19.49
CA VAL B 279 -4.24 0.86 -20.82
C VAL B 279 -5.13 2.08 -20.61
N PHE B 280 -4.88 3.13 -21.39
CA PHE B 280 -5.53 4.42 -21.23
C PHE B 280 -5.91 4.91 -22.62
N SER B 281 -7.20 5.20 -22.83
CA SER B 281 -7.75 5.41 -24.20
C SER B 281 -8.28 6.83 -24.45
N ALA B 282 -7.73 7.80 -23.73
CA ALA B 282 -8.17 9.19 -23.83
C ALA B 282 -6.96 10.06 -24.26
N PRO B 283 -6.76 10.22 -25.58
CA PRO B 283 -5.57 10.95 -26.04
C PRO B 283 -5.72 12.43 -25.75
N ASN B 284 -4.59 13.10 -25.53
CA ASN B 284 -4.56 14.52 -25.18
C ASN B 284 -5.64 14.83 -24.14
N TYR B 285 -5.53 14.11 -23.03
CA TYR B 285 -6.51 14.13 -21.95
C TYR B 285 -6.82 15.56 -21.47
N CYS B 286 -8.10 15.90 -21.40
CA CYS B 286 -8.57 17.25 -21.02
C CYS B 286 -8.05 18.39 -21.93
N ASP B 287 -7.81 18.09 -23.21
CA ASP B 287 -7.25 19.06 -24.19
C ASP B 287 -5.93 19.69 -23.75
N GLN B 288 -5.16 18.96 -22.93
CA GLN B 288 -4.10 19.54 -22.10
C GLN B 288 -2.84 18.68 -22.06
N MET B 289 -3.02 17.40 -21.76
CA MET B 289 -1.89 16.54 -21.37
C MET B 289 -0.96 16.15 -22.52
N GLY B 290 -1.45 16.21 -23.76
CA GLY B 290 -0.64 15.89 -24.93
C GLY B 290 -0.22 14.42 -25.05
N ASN B 291 -0.87 13.55 -24.29
CA ASN B 291 -0.53 12.15 -24.24
C ASN B 291 -1.12 11.40 -25.44
N LYS B 292 -0.43 10.34 -25.82
CA LYS B 292 -0.99 9.37 -26.74
C LYS B 292 -1.98 8.49 -25.96
N ALA B 293 -2.82 7.78 -26.70
CA ALA B 293 -3.75 6.80 -26.15
C ALA B 293 -3.41 5.44 -26.76
N SER B 294 -3.98 4.39 -26.19
CA SER B 294 -3.83 3.07 -26.77
C SER B 294 -5.04 2.19 -26.51
N TYR B 295 -5.08 1.10 -27.28
CA TYR B 295 -5.94 -0.04 -27.00
C TYR B 295 -5.13 -1.32 -27.18
N ILE B 296 -5.56 -2.38 -26.49
CA ILE B 296 -4.87 -3.67 -26.52
C ILE B 296 -5.63 -4.61 -27.44
N HIS B 297 -4.89 -5.43 -28.20
CA HIS B 297 -5.46 -6.59 -28.85
C HIS B 297 -5.00 -7.80 -28.07
N LEU B 298 -5.96 -8.63 -27.68
CA LEU B 298 -5.70 -9.95 -27.11
C LEU B 298 -6.17 -11.00 -28.11
N GLN B 299 -5.37 -12.07 -28.24
CA GLN B 299 -5.66 -13.17 -29.15
C GLN B 299 -5.72 -14.46 -28.32
N GLY B 300 -6.78 -15.25 -28.52
CA GLY B 300 -7.06 -16.37 -27.63
C GLY B 300 -6.03 -17.49 -27.56
N SER B 301 -5.29 -17.70 -28.65
CA SER B 301 -4.25 -18.73 -28.70
C SER B 301 -3.07 -18.38 -27.78
N ASP B 302 -2.57 -17.15 -27.92
CA ASP B 302 -1.53 -16.58 -27.06
C ASP B 302 -2.04 -15.25 -26.53
N LEU B 303 -2.45 -15.22 -25.26
CA LEU B 303 -3.09 -14.03 -24.65
C LEU B 303 -2.12 -12.91 -24.24
N ARG B 304 -0.85 -12.97 -24.66
CA ARG B 304 0.08 -11.85 -24.46
C ARG B 304 -0.41 -10.62 -25.21
N PRO B 305 -0.39 -9.45 -24.54
CA PRO B 305 -1.05 -8.27 -25.11
C PRO B 305 -0.25 -7.63 -26.24
N GLN B 306 -0.96 -7.10 -27.24
CA GLN B 306 -0.36 -6.25 -28.26
C GLN B 306 -1.00 -4.87 -28.19
N PHE B 307 -0.17 -3.83 -28.32
CA PHE B 307 -0.62 -2.45 -28.15
C PHE B 307 -0.71 -1.73 -29.49
N HIS B 308 -1.71 -0.86 -29.61
CA HIS B 308 -1.87 0.03 -30.75
C HIS B 308 -2.04 1.43 -30.20
N GLN B 309 -1.16 2.34 -30.61
CA GLN B 309 -1.25 3.72 -30.15
C GLN B 309 -2.03 4.57 -31.12
N PHE B 310 -2.69 5.60 -30.58
CA PHE B 310 -3.36 6.61 -31.41
C PHE B 310 -3.38 7.97 -30.74
N THR B 311 -3.64 8.99 -31.54
CA THR B 311 -3.60 10.38 -31.10
C THR B 311 -4.96 11.03 -31.25
N ALA B 312 -5.10 12.17 -30.58
CA ALA B 312 -6.34 12.91 -30.52
C ALA B 312 -6.80 13.36 -31.90
N VAL B 313 -8.13 13.43 -32.07
CA VAL B 313 -8.73 14.01 -33.26
C VAL B 313 -9.46 15.29 -32.84
N PRO B 314 -9.87 16.13 -33.81
CA PRO B 314 -10.60 17.36 -33.48
C PRO B 314 -11.96 17.12 -32.83
N HIS B 315 -12.41 18.08 -32.02
CA HIS B 315 -13.79 18.11 -31.50
C HIS B 315 -14.34 19.55 -31.50
N PRO B 316 -15.68 19.70 -31.40
CA PRO B 316 -16.30 21.01 -31.25
C PRO B 316 -15.79 21.80 -30.05
N ASN B 317 -15.91 23.13 -30.13
CA ASN B 317 -15.34 24.02 -29.12
C ASN B 317 -16.22 24.08 -27.86
N VAL B 318 -16.13 23.01 -27.08
CA VAL B 318 -16.71 22.94 -25.75
C VAL B 318 -15.54 22.58 -24.84
N LYS B 319 -15.39 23.33 -23.75
CA LYS B 319 -14.23 23.19 -22.88
C LYS B 319 -14.38 21.93 -22.01
N PRO B 320 -13.26 21.29 -21.63
CA PRO B 320 -13.38 20.23 -20.62
C PRO B 320 -13.90 20.77 -19.29
N MET B 321 -14.60 19.93 -18.53
CA MET B 321 -15.17 20.30 -17.23
C MET B 321 -16.24 21.42 -17.32
N ALA B 322 -16.77 21.66 -18.53
CA ALA B 322 -17.65 22.80 -18.76
C ALA B 322 -18.94 22.72 -17.96
N TYR B 323 -19.47 21.51 -17.78
CA TYR B 323 -20.68 21.30 -16.98
C TYR B 323 -20.43 21.08 -15.47
N ALA B 324 -19.17 21.15 -15.03
CA ALA B 324 -18.81 21.01 -13.59
C ALA B 324 -18.93 22.34 -12.87
N TYR C 10 22.35 -38.07 8.94
CA TYR C 10 22.14 -37.59 7.54
C TYR C 10 20.85 -36.79 7.29
N SER C 11 19.93 -36.77 8.25
CA SER C 11 18.67 -36.04 8.09
C SER C 11 18.88 -34.58 8.47
N GLY C 12 19.34 -33.79 7.49
CA GLY C 12 19.62 -32.38 7.69
C GLY C 12 18.45 -31.48 7.32
N PRO C 13 18.64 -30.15 7.44
CA PRO C 13 17.69 -29.18 6.94
C PRO C 13 17.32 -29.42 5.48
N LYS C 14 16.03 -29.34 5.16
CA LYS C 14 15.56 -29.46 3.79
C LYS C 14 14.58 -28.35 3.46
N LEU C 15 14.68 -27.86 2.23
CA LEU C 15 13.84 -26.79 1.73
C LEU C 15 12.43 -27.34 1.51
N GLU C 16 11.43 -26.59 1.96
CA GLU C 16 10.03 -26.95 1.70
C GLU C 16 9.71 -26.58 0.25
N ASP C 17 9.70 -27.60 -0.61
CA ASP C 17 9.44 -27.47 -2.05
C ASP C 17 10.46 -26.61 -2.78
N GLY C 18 11.73 -26.72 -2.38
CA GLY C 18 12.81 -25.92 -2.95
C GLY C 18 12.80 -24.46 -2.56
N LYS C 19 12.05 -24.11 -1.50
CA LYS C 19 11.93 -22.74 -1.03
C LYS C 19 12.41 -22.64 0.41
N VAL C 20 13.10 -21.54 0.71
CA VAL C 20 13.54 -21.27 2.07
C VAL C 20 12.30 -20.88 2.89
N THR C 21 12.26 -21.35 4.13
CA THR C 21 11.24 -20.98 5.12
C THR C 21 11.91 -20.65 6.45
N ILE C 22 11.16 -20.04 7.37
CA ILE C 22 11.68 -19.77 8.72
C ILE C 22 12.09 -21.05 9.45
N SER C 23 11.30 -22.11 9.25
CA SER C 23 11.58 -23.43 9.84
C SER C 23 12.93 -23.96 9.38
N PHE C 24 13.15 -23.94 8.05
CA PHE C 24 14.43 -24.35 7.47
C PHE C 24 15.60 -23.55 8.05
N MET C 25 15.43 -22.24 8.15
CA MET C 25 16.47 -21.34 8.67
C MET C 25 16.83 -21.66 10.13
N LYS C 26 15.82 -21.90 10.95
CA LYS C 26 16.04 -22.31 12.35
C LYS C 26 16.79 -23.64 12.43
N GLU C 27 16.39 -24.60 11.59
CA GLU C 27 17.06 -25.91 11.50
C GLU C 27 18.50 -25.74 11.02
N LEU C 28 18.68 -24.94 9.96
CA LEU C 28 20.00 -24.66 9.38
C LEU C 28 20.97 -24.12 10.42
N MET C 29 20.54 -23.12 11.18
CA MET C 29 21.39 -22.49 12.18
C MET C 29 21.84 -23.46 13.28
N GLN C 30 20.93 -24.34 13.71
CA GLN C 30 21.25 -25.40 14.66
C GLN C 30 22.19 -26.44 14.05
N TRP C 31 21.87 -26.87 12.83
CA TRP C 31 22.71 -27.83 12.08
C TRP C 31 24.16 -27.31 12.01
N TYR C 32 24.29 -26.05 11.61
CA TYR C 32 25.56 -25.35 11.57
C TYR C 32 26.22 -25.17 12.93
N LYS C 33 25.43 -24.79 13.95
CA LYS C 33 25.96 -24.74 15.32
C LYS C 33 26.70 -26.04 15.70
N ASP C 34 26.11 -27.19 15.35
CA ASP C 34 26.69 -28.52 15.61
C ASP C 34 27.68 -29.03 14.54
N GLN C 35 28.25 -28.14 13.72
CA GLN C 35 29.30 -28.47 12.75
C GLN C 35 28.89 -29.44 11.65
N LYS C 36 27.61 -29.45 11.31
CA LYS C 36 27.10 -30.30 10.23
C LYS C 36 26.93 -29.48 8.95
N LYS C 37 26.89 -30.17 7.82
CA LYS C 37 26.89 -29.54 6.50
C LYS C 37 25.50 -29.58 5.87
N LEU C 38 25.12 -28.48 5.21
CA LEU C 38 23.90 -28.46 4.41
C LEU C 38 24.16 -29.29 3.17
N HIS C 39 23.21 -30.16 2.84
CA HIS C 39 23.36 -30.99 1.65
C HIS C 39 23.54 -30.10 0.41
N ARG C 40 24.47 -30.49 -0.45
CA ARG C 40 24.84 -29.67 -1.61
C ARG C 40 23.70 -29.29 -2.57
N LYS C 41 22.73 -30.17 -2.76
CA LYS C 41 21.47 -29.86 -3.47
C LYS C 41 20.72 -28.65 -2.91
N CYS C 42 20.69 -28.51 -1.60
CA CYS C 42 20.07 -27.35 -0.94
C CYS C 42 20.95 -26.09 -1.04
N ALA C 43 22.25 -26.26 -0.81
CA ALA C 43 23.23 -25.18 -1.01
C ALA C 43 23.14 -24.64 -2.45
N TYR C 44 23.14 -25.55 -3.42
CA TYR C 44 23.04 -25.19 -4.83
C TYR C 44 21.80 -24.35 -5.11
N GLN C 45 20.66 -24.79 -4.59
CA GLN C 45 19.40 -24.10 -4.84
C GLN C 45 19.33 -22.72 -4.20
N ILE C 46 19.85 -22.59 -2.98
CA ILE C 46 19.99 -21.26 -2.34
C ILE C 46 20.78 -20.32 -3.25
N LEU C 47 21.88 -20.81 -3.82
CA LEU C 47 22.76 -19.98 -4.63
C LEU C 47 22.15 -19.55 -5.98
N VAL C 48 21.58 -20.48 -6.74
CA VAL C 48 20.89 -20.11 -8.01
C VAL C 48 19.76 -19.10 -7.74
N GLN C 49 18.98 -19.34 -6.69
CA GLN C 49 17.86 -18.45 -6.34
C GLN C 49 18.30 -17.07 -5.86
N VAL C 50 19.36 -16.99 -5.07
CA VAL C 50 19.84 -15.72 -4.55
C VAL C 50 20.57 -14.93 -5.66
N LYS C 51 21.24 -15.64 -6.57
CA LYS C 51 21.80 -15.01 -7.78
C LYS C 51 20.72 -14.32 -8.61
N GLU C 52 19.58 -15.01 -8.77
CA GLU C 52 18.39 -14.42 -9.43
C GLU C 52 17.92 -13.15 -8.71
N VAL C 53 17.66 -13.26 -7.40
CA VAL C 53 17.13 -12.13 -6.61
C VAL C 53 18.09 -10.94 -6.56
N LEU C 54 19.37 -11.19 -6.35
CA LEU C 54 20.41 -10.14 -6.34
C LEU C 54 20.60 -9.47 -7.70
N SER C 55 20.56 -10.25 -8.79
CA SER C 55 20.74 -9.72 -10.17
C SER C 55 19.69 -8.71 -10.62
N LYS C 56 18.51 -8.76 -10.01
CA LYS C 56 17.44 -7.81 -10.28
C LYS C 56 17.58 -6.51 -9.48
N LEU C 57 18.48 -6.47 -8.49
CA LEU C 57 18.66 -5.28 -7.66
C LEU C 57 19.49 -4.22 -8.37
N SER C 58 19.27 -2.97 -8.00
CA SER C 58 20.13 -1.87 -8.42
C SER C 58 21.48 -1.97 -7.68
N THR C 59 22.53 -1.41 -8.28
CA THR C 59 23.83 -1.29 -7.60
C THR C 59 23.73 -0.43 -6.31
N LEU C 60 22.88 0.60 -6.37
CA LEU C 60 22.50 1.39 -5.18
C LEU C 60 21.11 0.93 -4.75
N VAL C 61 21.02 0.29 -3.57
CA VAL C 61 19.75 -0.05 -2.98
C VAL C 61 19.23 1.19 -2.27
N GLU C 62 17.97 1.55 -2.55
CA GLU C 62 17.36 2.74 -1.97
C GLU C 62 16.18 2.32 -1.10
N THR C 63 16.32 2.54 0.21
CA THR C 63 15.42 1.99 1.21
C THR C 63 14.71 3.13 1.93
N THR C 64 13.40 2.96 2.12
CA THR C 64 12.60 3.89 2.90
C THR C 64 12.32 3.26 4.25
N LEU C 65 12.50 4.06 5.29
CA LEU C 65 12.29 3.64 6.66
C LEU C 65 11.31 4.64 7.28
N LYS C 66 10.13 4.16 7.66
CA LYS C 66 9.09 5.01 8.25
C LYS C 66 9.51 5.51 9.63
N GLU C 67 8.85 6.57 10.09
CA GLU C 67 9.19 7.25 11.36
C GLU C 67 9.25 6.33 12.58
N THR C 68 8.44 5.29 12.58
CA THR C 68 8.39 4.31 13.67
C THR C 68 9.35 3.12 13.52
N GLU C 69 9.69 2.75 12.28
CA GLU C 69 10.55 1.58 12.02
C GLU C 69 12.03 1.82 12.34
N LYS C 70 12.80 0.73 12.35
CA LYS C 70 14.25 0.78 12.47
C LYS C 70 14.91 -0.24 11.54
N ILE C 71 16.24 -0.20 11.51
CA ILE C 71 17.02 -1.19 10.78
C ILE C 71 18.35 -1.43 11.49
N THR C 72 18.74 -2.71 11.58
CA THR C 72 20.01 -3.06 12.22
C THR C 72 21.11 -3.12 11.17
N VAL C 73 22.12 -2.28 11.32
CA VAL C 73 23.27 -2.27 10.41
C VAL C 73 24.41 -3.01 11.09
N CYS C 74 24.90 -4.06 10.44
CA CYS C 74 26.07 -4.80 10.88
C CYS C 74 27.19 -4.64 9.86
N GLY C 75 28.42 -4.63 10.36
CA GLY C 75 29.61 -4.60 9.51
C GLY C 75 30.21 -5.97 9.34
N ASP C 76 31.52 -5.99 9.08
CA ASP C 76 32.28 -7.22 8.78
C ASP C 76 31.97 -8.35 9.75
N THR C 77 31.79 -9.54 9.21
CA THR C 77 31.59 -10.77 10.02
C THR C 77 32.66 -11.83 9.81
N HIS C 78 33.25 -11.89 8.62
CA HIS C 78 34.47 -12.67 8.35
C HIS C 78 34.45 -14.10 8.87
N GLY C 79 33.40 -14.82 8.48
CA GLY C 79 33.25 -16.23 8.82
C GLY C 79 33.18 -16.60 10.29
N GLN C 80 32.80 -15.65 11.16
CA GLN C 80 32.66 -15.91 12.59
C GLN C 80 31.20 -16.21 12.89
N PHE C 81 30.79 -17.41 12.45
CA PHE C 81 29.38 -17.84 12.48
C PHE C 81 28.77 -17.84 13.89
N TYR C 82 29.58 -18.21 14.89
CA TYR C 82 29.07 -18.33 16.26
C TYR C 82 28.80 -16.93 16.83
N ASP C 83 29.57 -15.95 16.39
CA ASP C 83 29.27 -14.55 16.71
C ASP C 83 28.09 -14.01 15.89
N LEU C 84 27.93 -14.46 14.65
CA LEU C 84 26.71 -14.15 13.88
C LEU C 84 25.45 -14.63 14.62
N LEU C 85 25.48 -15.86 15.12
CA LEU C 85 24.38 -16.38 15.95
C LEU C 85 24.11 -15.52 17.18
N ASN C 86 25.17 -15.06 17.84
CA ASN C 86 25.06 -14.19 19.00
C ASN C 86 24.40 -12.84 18.68
N ILE C 87 24.68 -12.30 17.50
CA ILE C 87 23.98 -11.09 17.02
C ILE C 87 22.47 -11.33 16.98
N PHE C 88 22.05 -12.47 16.41
CA PHE C 88 20.63 -12.80 16.34
C PHE C 88 20.00 -13.09 17.71
N GLU C 89 20.77 -13.65 18.64
CA GLU C 89 20.26 -13.88 19.99
C GLU C 89 20.13 -12.59 20.81
N LEU C 90 21.11 -11.69 20.67
CA LEU C 90 21.05 -10.35 21.30
C LEU C 90 20.00 -9.42 20.70
N ASN C 91 19.87 -9.44 19.37
CA ASN C 91 19.04 -8.47 18.66
C ASN C 91 17.79 -9.07 17.98
N GLY C 92 17.56 -10.37 18.12
CA GLY C 92 16.41 -11.04 17.51
C GLY C 92 16.69 -11.48 16.08
N LEU C 93 15.99 -12.53 15.66
CA LEU C 93 16.09 -13.03 14.30
C LEU C 93 15.55 -11.98 13.32
N PRO C 94 16.07 -11.97 12.09
CA PRO C 94 15.51 -11.07 11.08
C PRO C 94 14.06 -11.38 10.74
N SER C 95 13.32 -10.31 10.41
CA SER C 95 11.93 -10.39 9.99
C SER C 95 11.54 -9.08 9.31
N GLU C 96 10.27 -8.94 8.92
CA GLU C 96 9.73 -7.70 8.36
C GLU C 96 9.73 -6.58 9.39
N THR C 97 9.62 -6.95 10.67
CA THR C 97 9.64 -5.99 11.77
C THR C 97 11.00 -5.95 12.51
N ASN C 98 12.05 -6.50 11.89
CA ASN C 98 13.40 -6.51 12.47
C ASN C 98 14.41 -6.59 11.31
N PRO C 99 14.45 -5.55 10.47
CA PRO C 99 15.28 -5.61 9.27
C PRO C 99 16.78 -5.51 9.57
N TYR C 100 17.59 -6.02 8.66
CA TYR C 100 19.06 -6.05 8.81
C TYR C 100 19.77 -5.63 7.53
N ILE C 101 20.86 -4.85 7.67
CA ILE C 101 21.89 -4.70 6.62
C ILE C 101 23.18 -5.38 7.10
N PHE C 102 23.75 -6.27 6.29
CA PHE C 102 25.13 -6.75 6.51
C PHE C 102 26.04 -6.16 5.43
N ASN C 103 27.02 -5.36 5.89
CA ASN C 103 27.82 -4.49 5.03
C ASN C 103 29.16 -5.12 4.61
N GLY C 104 29.07 -6.25 3.93
CA GLY C 104 30.24 -6.86 3.29
C GLY C 104 31.17 -7.59 4.24
N ASP C 105 32.18 -8.21 3.67
CA ASP C 105 33.18 -8.98 4.42
C ASP C 105 32.48 -10.06 5.28
N PHE C 106 31.65 -10.84 4.59
CA PHE C 106 30.95 -11.98 5.16
C PHE C 106 31.90 -13.15 5.37
N VAL C 107 32.90 -13.28 4.50
CA VAL C 107 33.74 -14.47 4.38
C VAL C 107 35.23 -14.14 4.57
N ASP C 108 36.06 -15.19 4.59
CA ASP C 108 37.52 -15.12 4.78
C ASP C 108 37.92 -14.83 6.20
N ARG C 109 39.14 -15.26 6.54
CA ARG C 109 39.70 -15.20 7.90
C ARG C 109 39.07 -16.21 8.84
N GLY C 110 37.78 -16.05 9.14
CA GLY C 110 37.07 -17.00 9.98
C GLY C 110 36.78 -18.32 9.26
N SER C 111 36.87 -19.42 10.01
CA SER C 111 36.76 -20.75 9.40
C SER C 111 35.33 -21.33 9.38
N PHE C 112 34.32 -20.47 9.58
CA PHE C 112 32.91 -20.84 9.41
C PHE C 112 32.25 -19.89 8.40
N SER C 113 32.97 -19.61 7.31
CA SER C 113 32.50 -18.69 6.26
C SER C 113 31.35 -19.26 5.42
N VAL C 114 31.42 -20.54 5.11
CA VAL C 114 30.31 -21.24 4.43
C VAL C 114 29.02 -21.10 5.25
N GLU C 115 29.14 -21.24 6.56
CA GLU C 115 28.00 -21.19 7.48
C GLU C 115 27.41 -19.79 7.54
N VAL C 116 28.29 -18.79 7.66
CA VAL C 116 27.85 -17.40 7.63
C VAL C 116 27.13 -17.10 6.32
N ILE C 117 27.79 -17.39 5.20
CA ILE C 117 27.29 -16.93 3.89
C ILE C 117 25.98 -17.61 3.47
N LEU C 118 25.88 -18.91 3.71
CA LEU C 118 24.63 -19.62 3.38
C LEU C 118 23.49 -19.19 4.30
N THR C 119 23.79 -18.94 5.58
CA THR C 119 22.80 -18.42 6.52
C THR C 119 22.29 -17.04 6.09
N LEU C 120 23.18 -16.13 5.72
CA LEU C 120 22.78 -14.79 5.24
C LEU C 120 22.02 -14.87 3.90
N PHE C 121 22.49 -15.68 2.95
CA PHE C 121 21.77 -15.88 1.68
C PHE C 121 20.38 -16.47 1.89
N GLY C 122 20.25 -17.37 2.86
CA GLY C 122 18.96 -17.94 3.24
C GLY C 122 17.98 -16.90 3.75
N PHE C 123 18.43 -16.05 4.68
CA PHE C 123 17.61 -14.94 5.17
C PHE C 123 17.29 -13.89 4.11
N LYS C 124 18.18 -13.71 3.13
CA LYS C 124 17.93 -12.82 1.98
C LYS C 124 16.79 -13.37 1.11
N LEU C 125 16.77 -14.68 0.90
CA LEU C 125 15.66 -15.31 0.18
C LEU C 125 14.35 -15.24 0.97
N LEU C 126 14.44 -15.39 2.29
CA LEU C 126 13.26 -15.35 3.15
C LEU C 126 12.65 -13.96 3.32
N TYR C 127 13.49 -12.94 3.52
CA TYR C 127 13.03 -11.57 3.76
C TYR C 127 13.69 -10.61 2.76
N PRO C 128 13.40 -10.80 1.45
CA PRO C 128 14.11 -10.08 0.37
C PRO C 128 14.08 -8.55 0.45
N ASP C 129 13.02 -7.99 1.01
CA ASP C 129 12.85 -6.54 1.12
C ASP C 129 13.39 -5.97 2.43
N HIS C 130 13.61 -6.84 3.43
CA HIS C 130 13.99 -6.40 4.77
C HIS C 130 15.34 -6.96 5.28
N PHE C 131 16.02 -7.76 4.45
CA PHE C 131 17.30 -8.36 4.80
C PHE C 131 18.27 -8.09 3.65
N HIS C 132 19.25 -7.21 3.89
CA HIS C 132 20.08 -6.66 2.83
C HIS C 132 21.55 -7.03 2.99
N LEU C 133 22.20 -7.31 1.86
CA LEU C 133 23.62 -7.64 1.81
C LEU C 133 24.33 -6.73 0.82
N LEU C 134 25.39 -6.05 1.27
CA LEU C 134 26.23 -5.26 0.40
C LEU C 134 27.56 -5.97 0.22
N ARG C 135 28.13 -5.87 -0.98
CA ARG C 135 29.39 -6.51 -1.28
C ARG C 135 30.55 -5.83 -0.55
N GLY C 136 31.49 -6.63 -0.08
CA GLY C 136 32.74 -6.15 0.47
C GLY C 136 33.87 -6.61 -0.40
N ASN C 137 35.08 -6.14 -0.11
CA ASN C 137 36.26 -6.51 -0.88
C ASN C 137 36.66 -7.97 -0.70
N HIS C 138 36.20 -8.59 0.39
CA HIS C 138 36.41 -10.02 0.60
C HIS C 138 35.38 -10.91 -0.10
N GLU C 139 34.39 -10.33 -0.78
CA GLU C 139 33.53 -11.07 -1.70
C GLU C 139 34.07 -10.98 -3.14
N THR C 140 35.35 -11.35 -3.30
CA THR C 140 36.07 -11.33 -4.59
C THR C 140 37.03 -12.50 -4.65
N ASP C 141 37.45 -12.89 -5.85
CA ASP C 141 38.29 -14.08 -6.04
C ASP C 141 39.69 -13.92 -5.46
N ASN C 142 40.29 -12.76 -5.69
CA ASN C 142 41.65 -12.47 -5.22
C ASN C 142 41.80 -12.68 -3.73
N MET C 143 40.83 -12.15 -2.98
CA MET C 143 40.82 -12.31 -1.53
C MET C 143 40.45 -13.73 -1.11
N ASN C 144 39.41 -14.29 -1.75
CA ASN C 144 38.95 -15.66 -1.48
C ASN C 144 40.05 -16.70 -1.69
N GLN C 145 40.82 -16.54 -2.78
CA GLN C 145 41.95 -17.42 -3.09
C GLN C 145 42.98 -17.57 -1.97
N ILE C 146 43.22 -16.53 -1.18
CA ILE C 146 44.26 -16.59 -0.15
C ILE C 146 43.76 -16.59 1.28
N TYR C 147 42.66 -15.90 1.57
CA TYR C 147 42.25 -15.67 2.96
C TYR C 147 41.23 -16.68 3.54
N GLY C 148 40.97 -17.76 2.80
CA GLY C 148 40.30 -18.94 3.38
C GLY C 148 39.06 -19.46 2.68
N PHE C 149 38.27 -18.58 2.05
CA PHE C 149 36.93 -18.98 1.58
C PHE C 149 36.95 -19.97 0.42
N GLU C 150 37.87 -19.81 -0.53
CA GLU C 150 38.00 -20.78 -1.62
C GLU C 150 38.31 -22.18 -1.07
N GLY C 151 39.30 -22.25 -0.18
CA GLY C 151 39.71 -23.51 0.44
C GLY C 151 38.65 -24.16 1.31
N GLU C 152 37.88 -23.34 2.03
CA GLU C 152 36.75 -23.83 2.82
C GLU C 152 35.66 -24.45 1.94
N VAL C 153 35.26 -23.74 0.88
CA VAL C 153 34.26 -24.24 -0.05
C VAL C 153 34.73 -25.52 -0.77
N LYS C 154 36.00 -25.55 -1.19
CA LYS C 154 36.57 -26.76 -1.77
C LYS C 154 36.66 -27.93 -0.77
N ALA C 155 36.93 -27.62 0.50
CA ALA C 155 37.00 -28.63 1.55
C ALA C 155 35.63 -29.24 1.91
N LYS C 156 34.59 -28.41 1.89
CA LYS C 156 33.25 -28.82 2.28
C LYS C 156 32.39 -29.25 1.10
N TYR C 157 32.64 -28.65 -0.06
CA TYR C 157 31.89 -28.95 -1.27
C TYR C 157 32.92 -29.23 -2.36
N THR C 158 32.90 -28.45 -3.45
CA THR C 158 33.74 -28.69 -4.63
C THR C 158 34.15 -27.36 -5.25
N ALA C 159 35.13 -27.43 -6.15
CA ALA C 159 35.53 -26.26 -6.95
C ALA C 159 34.34 -25.68 -7.73
N GLN C 160 33.43 -26.54 -8.19
CA GLN C 160 32.24 -26.10 -8.92
C GLN C 160 31.30 -25.26 -8.04
N MET C 161 31.15 -25.66 -6.78
CA MET C 161 30.38 -24.86 -5.81
C MET C 161 31.03 -23.49 -5.55
N TYR C 162 32.36 -23.44 -5.49
CA TYR C 162 33.08 -22.17 -5.28
C TYR C 162 32.87 -21.17 -6.44
N GLU C 163 32.95 -21.67 -7.67
CA GLU C 163 32.68 -20.81 -8.84
C GLU C 163 31.29 -20.18 -8.81
N LEU C 164 30.30 -20.93 -8.33
CA LEU C 164 28.95 -20.41 -8.20
C LEU C 164 28.88 -19.28 -7.16
N PHE C 165 29.50 -19.47 -5.99
CA PHE C 165 29.61 -18.41 -4.97
C PHE C 165 30.23 -17.16 -5.56
N SER C 166 31.35 -17.35 -6.27
CA SER C 166 32.05 -16.26 -6.97
C SER C 166 31.10 -15.50 -7.89
N GLU C 167 30.30 -16.22 -8.67
CA GLU C 167 29.30 -15.59 -9.56
C GLU C 167 28.14 -14.93 -8.82
N VAL C 168 27.75 -15.49 -7.67
CA VAL C 168 26.71 -14.89 -6.83
C VAL C 168 27.19 -13.56 -6.26
N PHE C 169 28.42 -13.55 -5.74
CA PHE C 169 29.04 -12.33 -5.18
C PHE C 169 29.09 -11.16 -6.17
N GLU C 170 29.38 -11.47 -7.43
CA GLU C 170 29.40 -10.46 -8.49
C GLU C 170 28.10 -9.67 -8.64
N TRP C 171 26.97 -10.24 -8.20
CA TRP C 171 25.68 -9.54 -8.21
C TRP C 171 25.26 -8.84 -6.92
N LEU C 172 26.10 -8.86 -5.87
CA LEU C 172 25.78 -8.14 -4.63
C LEU C 172 25.79 -6.62 -4.90
N PRO C 173 24.76 -5.88 -4.44
CA PRO C 173 24.85 -4.41 -4.57
C PRO C 173 26.06 -3.81 -3.85
N LEU C 174 26.45 -2.61 -4.26
CA LEU C 174 27.67 -1.97 -3.76
C LEU C 174 27.39 -0.88 -2.72
N ALA C 175 26.16 -0.39 -2.65
CA ALA C 175 25.81 0.61 -1.63
C ALA C 175 24.33 0.63 -1.37
N GLN C 176 23.97 1.25 -0.25
CA GLN C 176 22.58 1.40 0.17
C GLN C 176 22.35 2.77 0.77
N CYS C 177 21.24 3.40 0.38
CA CYS C 177 20.86 4.72 0.86
C CYS C 177 19.53 4.61 1.62
N ILE C 178 19.52 5.10 2.85
CA ILE C 178 18.32 5.13 3.68
C ILE C 178 17.71 6.55 3.67
N ASN C 179 16.48 6.66 3.16
CA ASN C 179 15.72 7.92 3.13
C ASN C 179 16.42 9.10 2.45
N GLY C 180 17.18 8.82 1.39
CA GLY C 180 18.03 9.82 0.74
C GLY C 180 19.02 10.55 1.64
N LYS C 181 19.35 9.98 2.81
CA LYS C 181 20.15 10.70 3.83
C LYS C 181 21.38 9.99 4.40
N VAL C 182 21.30 8.68 4.63
CA VAL C 182 22.44 7.90 5.09
C VAL C 182 22.87 7.01 3.93
N LEU C 183 24.16 7.03 3.60
CA LEU C 183 24.69 6.14 2.57
C LEU C 183 25.60 5.11 3.23
N ILE C 184 25.35 3.86 2.89
CA ILE C 184 26.07 2.74 3.46
C ILE C 184 26.80 2.06 2.32
N MET C 185 28.12 1.92 2.47
CA MET C 185 28.96 1.14 1.55
C MET C 185 30.01 0.40 2.37
N HIS C 186 30.71 -0.55 1.76
CA HIS C 186 31.66 -1.34 2.54
C HIS C 186 32.93 -0.58 2.91
N GLY C 187 33.59 -0.03 1.89
CA GLY C 187 34.90 0.63 2.02
C GLY C 187 34.75 2.09 2.34
N GLY C 188 34.49 2.90 1.33
CA GLY C 188 34.26 4.32 1.53
C GLY C 188 34.04 5.09 0.26
N LEU C 189 34.49 6.33 0.27
CA LEU C 189 34.23 7.30 -0.79
C LEU C 189 35.38 7.32 -1.82
N PHE C 190 35.38 8.30 -2.72
CA PHE C 190 35.99 8.15 -4.04
C PHE C 190 37.32 8.87 -4.25
N SER C 191 38.11 8.34 -5.19
CA SER C 191 39.47 8.84 -5.49
C SER C 191 39.43 10.17 -6.24
N GLU C 192 38.34 10.41 -6.98
CA GLU C 192 38.10 11.66 -7.67
C GLU C 192 36.88 12.37 -7.11
N ASP C 193 36.86 13.69 -7.26
CA ASP C 193 35.75 14.51 -6.78
C ASP C 193 34.58 14.39 -7.74
N GLY C 194 33.38 14.63 -7.24
CA GLY C 194 32.19 14.76 -8.07
C GLY C 194 31.35 13.51 -8.33
N VAL C 195 31.62 12.42 -7.63
CA VAL C 195 30.83 11.18 -7.82
C VAL C 195 29.48 11.36 -7.14
N THR C 196 28.42 10.99 -7.85
CA THR C 196 27.06 11.21 -7.35
C THR C 196 26.38 9.89 -7.08
N LEU C 197 25.17 9.96 -6.52
CA LEU C 197 24.34 8.77 -6.31
C LEU C 197 23.97 8.11 -7.66
N ASP C 198 23.69 8.92 -8.68
CA ASP C 198 23.39 8.40 -10.01
C ASP C 198 24.56 7.63 -10.63
N ASP C 199 25.78 8.13 -10.43
CA ASP C 199 26.98 7.39 -10.83
C ASP C 199 26.99 5.99 -10.20
N ILE C 200 26.72 5.92 -8.90
CA ILE C 200 26.70 4.65 -8.17
C ILE C 200 25.64 3.70 -8.75
N ARG C 201 24.44 4.24 -9.02
CA ARG C 201 23.36 3.49 -9.68
C ARG C 201 23.75 2.86 -11.01
N LYS C 202 24.62 3.52 -11.78
CA LYS C 202 25.00 3.05 -13.12
C LYS C 202 26.35 2.32 -13.17
N ILE C 203 26.92 1.97 -12.00
CA ILE C 203 28.10 1.11 -11.94
C ILE C 203 27.67 -0.28 -12.40
N GLU C 204 28.35 -0.79 -13.43
CA GLU C 204 28.13 -2.15 -13.93
C GLU C 204 28.95 -3.07 -13.05
N ARG C 205 28.26 -3.79 -12.18
CA ARG C 205 28.88 -4.45 -11.02
C ARG C 205 29.17 -5.94 -11.15
N ASN C 206 28.50 -6.63 -12.09
CA ASN C 206 28.71 -8.07 -12.31
C ASN C 206 30.09 -8.45 -12.86
N ARG C 207 31.08 -8.37 -11.97
CA ARG C 207 32.47 -8.63 -12.30
C ARG C 207 33.33 -8.60 -11.04
N GLN C 208 34.59 -8.97 -11.17
CA GLN C 208 35.58 -8.68 -10.15
C GLN C 208 35.89 -7.18 -10.25
N PRO C 209 36.07 -6.50 -9.11
CA PRO C 209 36.27 -5.05 -9.17
C PRO C 209 37.60 -4.68 -9.85
N PRO C 210 37.66 -3.52 -10.51
CA PRO C 210 38.91 -3.12 -11.16
C PRO C 210 39.97 -2.64 -10.16
N ASP C 211 41.20 -2.44 -10.64
CA ASP C 211 42.30 -1.94 -9.80
C ASP C 211 42.07 -0.49 -9.34
N SER C 212 41.24 0.25 -10.07
CA SER C 212 40.80 1.58 -9.66
C SER C 212 39.44 1.89 -10.29
N GLY C 213 38.81 2.97 -9.82
CA GLY C 213 37.48 3.38 -10.27
C GLY C 213 36.47 3.40 -9.11
N PRO C 214 35.24 3.92 -9.36
CA PRO C 214 34.23 3.99 -8.30
C PRO C 214 33.89 2.67 -7.58
N MET C 215 33.83 1.58 -8.35
CA MET C 215 33.56 0.26 -7.78
C MET C 215 34.69 -0.18 -6.85
N CYS C 216 35.93 0.03 -7.28
CA CYS C 216 37.09 -0.24 -6.43
C CYS C 216 36.98 0.55 -5.13
N ASP C 217 36.77 1.86 -5.27
CA ASP C 217 36.67 2.78 -4.14
C ASP C 217 35.60 2.36 -3.12
N LEU C 218 34.41 2.02 -3.61
CA LEU C 218 33.31 1.58 -2.73
C LEU C 218 33.66 0.35 -1.85
N LEU C 219 34.55 -0.50 -2.34
CA LEU C 219 34.95 -1.74 -1.65
C LEU C 219 36.25 -1.63 -0.85
N TRP C 220 37.10 -0.64 -1.15
CA TRP C 220 38.47 -0.62 -0.64
C TRP C 220 38.93 0.60 0.17
N SER C 221 38.38 1.78 -0.05
CA SER C 221 38.92 3.00 0.57
C SER C 221 38.70 3.05 2.08
N ASP C 222 39.50 3.87 2.75
CA ASP C 222 39.41 4.11 4.20
C ASP C 222 39.40 5.60 4.46
N PRO C 223 38.75 6.05 5.56
CA PRO C 223 38.91 7.44 5.96
C PRO C 223 40.30 7.66 6.58
N GLN C 224 40.80 8.89 6.46
CA GLN C 224 41.98 9.37 7.17
C GLN C 224 41.60 10.65 7.90
N PRO C 225 42.36 11.00 8.97
CA PRO C 225 42.03 12.19 9.74
C PRO C 225 42.32 13.54 9.05
N GLN C 226 43.40 13.62 8.28
CA GLN C 226 43.80 14.88 7.62
C GLN C 226 43.02 15.10 6.32
N ASN C 227 42.92 16.36 5.90
CA ASN C 227 42.26 16.72 4.63
C ASN C 227 42.94 16.15 3.38
N GLY C 228 42.18 16.07 2.29
CA GLY C 228 42.66 15.63 0.99
C GLY C 228 42.65 14.11 0.90
N ARG C 229 43.40 13.59 -0.07
CA ARG C 229 43.51 12.15 -0.29
C ARG C 229 44.97 11.72 -0.18
N SER C 230 45.17 10.44 0.10
CA SER C 230 46.50 9.82 0.09
C SER C 230 46.42 8.51 -0.66
N ILE C 231 47.54 8.08 -1.24
CA ILE C 231 47.65 6.72 -1.77
C ILE C 231 47.37 5.75 -0.62
N SER C 232 46.58 4.72 -0.90
CA SER C 232 46.21 3.75 0.13
C SER C 232 47.37 2.83 0.44
N LYS C 233 47.55 2.56 1.74
CA LYS C 233 48.47 1.52 2.20
C LYS C 233 48.15 0.15 1.61
N ARG C 234 46.88 -0.12 1.33
CA ARG C 234 46.44 -1.41 0.78
C ARG C 234 46.93 -1.68 -0.66
N GLY C 235 47.29 -0.63 -1.40
CA GLY C 235 47.77 -0.78 -2.78
C GLY C 235 46.75 -0.58 -3.87
N VAL C 236 45.49 -0.32 -3.52
CA VAL C 236 44.47 0.14 -4.48
C VAL C 236 43.58 1.16 -3.80
N SER C 237 42.84 1.92 -4.60
CA SER C 237 41.96 2.98 -4.09
C SER C 237 42.76 4.07 -3.33
N CYS C 238 42.10 4.78 -2.40
CA CYS C 238 42.73 5.87 -1.67
C CYS C 238 42.29 5.94 -0.21
N GLN C 239 42.99 6.79 0.56
CA GLN C 239 42.52 7.25 1.86
C GLN C 239 41.90 8.61 1.61
N PHE C 240 40.77 8.89 2.28
CA PHE C 240 40.02 10.13 2.04
C PHE C 240 39.77 10.88 3.35
N GLY C 241 39.94 12.20 3.31
CA GLY C 241 39.81 13.04 4.51
C GLY C 241 38.42 13.60 4.73
N PRO C 242 38.22 14.37 5.83
CA PRO C 242 36.90 14.95 6.17
C PRO C 242 36.32 15.93 5.15
N ASP C 243 37.19 16.69 4.48
CA ASP C 243 36.75 17.59 3.38
C ASP C 243 36.19 16.84 2.17
N VAL C 244 36.77 15.67 1.87
CA VAL C 244 36.28 14.81 0.79
C VAL C 244 34.88 14.30 1.15
N THR C 245 34.72 13.84 2.38
CA THR C 245 33.44 13.39 2.89
C THR C 245 32.42 14.51 2.84
N LYS C 246 32.74 15.63 3.47
CA LYS C 246 31.89 16.81 3.48
C LYS C 246 31.44 17.18 2.07
N ALA C 247 32.39 17.27 1.14
CA ALA C 247 32.07 17.65 -0.24
C ALA C 247 31.14 16.65 -0.92
N PHE C 248 31.42 15.36 -0.75
CA PHE C 248 30.54 14.30 -1.27
C PHE C 248 29.14 14.38 -0.66
N LEU C 249 29.06 14.53 0.66
CA LEU C 249 27.77 14.59 1.34
C LEU C 249 26.92 15.77 0.89
N GLU C 250 27.54 16.94 0.73
CA GLU C 250 26.84 18.15 0.33
C GLU C 250 26.27 18.05 -1.08
N GLU C 251 27.05 17.55 -2.04
CA GLU C 251 26.58 17.44 -3.43
C GLU C 251 25.42 16.45 -3.56
N ASN C 252 25.47 15.37 -2.78
CA ASN C 252 24.46 14.31 -2.84
C ASN C 252 23.32 14.44 -1.84
N ASN C 253 23.30 15.54 -1.08
CA ASN C 253 22.25 15.83 -0.08
C ASN C 253 22.20 14.81 1.06
N LEU C 254 23.37 14.33 1.47
CA LEU C 254 23.48 13.29 2.50
C LEU C 254 23.93 13.89 3.83
N ASP C 255 23.59 13.21 4.92
CA ASP C 255 24.00 13.64 6.28
C ASP C 255 25.29 12.97 6.72
N TYR C 256 25.39 11.66 6.55
CA TYR C 256 26.62 10.93 6.89
C TYR C 256 26.70 9.58 6.19
N ILE C 257 27.86 8.94 6.27
CA ILE C 257 28.03 7.59 5.72
C ILE C 257 28.32 6.59 6.84
N ILE C 258 27.86 5.36 6.63
CA ILE C 258 28.26 4.22 7.44
C ILE C 258 29.06 3.30 6.53
N ARG C 259 30.22 2.88 7.03
CA ARG C 259 31.07 1.94 6.33
C ARG C 259 31.63 0.95 7.32
N SER C 260 32.37 -0.04 6.83
CA SER C 260 32.88 -1.11 7.69
C SER C 260 34.36 -1.32 7.37
N HIS C 261 34.78 -2.49 6.86
CA HIS C 261 36.08 -2.69 6.21
C HIS C 261 37.23 -2.92 7.18
N GLU C 262 37.43 -1.97 8.10
CA GLU C 262 38.54 -1.99 9.06
C GLU C 262 38.10 -2.47 10.44
N VAL C 263 38.95 -3.27 11.09
CA VAL C 263 38.79 -3.62 12.50
C VAL C 263 38.86 -2.38 13.39
N LYS C 264 37.99 -2.31 14.39
CA LYS C 264 38.03 -1.25 15.39
C LYS C 264 37.97 -1.85 16.79
N ALA C 265 38.90 -1.46 17.67
CA ALA C 265 38.99 -1.99 19.03
C ALA C 265 37.67 -1.95 19.80
N GLU C 266 36.91 -0.86 19.64
CA GLU C 266 35.60 -0.68 20.26
C GLU C 266 34.40 -1.18 19.44
N GLY C 267 34.64 -1.79 18.28
CA GLY C 267 33.56 -2.26 17.40
C GLY C 267 32.93 -1.20 16.49
N TYR C 268 33.31 0.07 16.69
CA TYR C 268 32.83 1.18 15.86
C TYR C 268 33.73 2.41 16.05
N GLU C 269 33.64 3.37 15.13
CA GLU C 269 34.39 4.62 15.24
C GLU C 269 33.70 5.74 14.48
N VAL C 270 33.61 6.91 15.11
CA VAL C 270 32.99 8.09 14.51
C VAL C 270 34.10 9.07 14.16
N ALA C 271 34.28 9.30 12.86
CA ALA C 271 35.30 10.20 12.34
C ALA C 271 34.68 11.30 11.48
N HIS C 272 35.53 12.23 11.06
CA HIS C 272 35.18 13.33 10.15
C HIS C 272 34.07 14.21 10.74
N GLY C 273 34.20 14.53 12.03
CA GLY C 273 33.23 15.37 12.73
C GLY C 273 31.82 14.82 12.70
N GLY C 274 31.70 13.51 12.92
CA GLY C 274 30.41 12.83 12.88
C GLY C 274 29.94 12.34 11.51
N ARG C 275 30.71 12.58 10.45
CA ARG C 275 30.24 12.34 9.09
C ARG C 275 30.59 10.95 8.51
N CYS C 276 31.53 10.24 9.14
CA CYS C 276 31.98 8.92 8.67
C CYS C 276 32.03 7.93 9.84
N VAL C 277 31.06 7.01 9.88
CA VAL C 277 30.94 6.03 10.93
C VAL C 277 31.47 4.69 10.41
N THR C 278 32.32 4.03 11.20
CA THR C 278 32.75 2.67 10.92
C THR C 278 32.01 1.74 11.87
N VAL C 279 31.48 0.63 11.33
CA VAL C 279 30.86 -0.44 12.11
C VAL C 279 31.53 -1.77 11.77
N PHE C 280 31.95 -2.52 12.78
CA PHE C 280 32.69 -3.77 12.61
C PHE C 280 32.06 -4.80 13.54
N SER C 281 31.66 -5.94 12.99
CA SER C 281 30.77 -6.87 13.68
C SER C 281 31.40 -8.25 13.91
N ALA C 282 32.73 -8.30 13.94
CA ALA C 282 33.50 -9.51 14.20
C ALA C 282 34.33 -9.33 15.49
N PRO C 283 33.75 -9.68 16.65
CA PRO C 283 34.47 -9.47 17.92
C PRO C 283 35.63 -10.44 18.06
N ASN C 284 36.63 -10.07 18.86
CA ASN C 284 37.86 -10.86 19.03
C ASN C 284 38.31 -11.44 17.69
N TYR C 285 38.55 -10.52 16.76
CA TYR C 285 38.81 -10.82 15.35
C TYR C 285 39.98 -11.80 15.17
N CYS C 286 39.73 -12.87 14.40
CA CYS C 286 40.70 -13.96 14.20
C CYS C 286 41.23 -14.59 15.50
N ASP C 287 40.39 -14.62 16.55
CA ASP C 287 40.75 -15.13 17.90
C ASP C 287 41.99 -14.47 18.55
N GLN C 288 42.33 -13.26 18.09
CA GLN C 288 43.62 -12.63 18.36
C GLN C 288 43.48 -11.17 18.83
N MET C 289 42.72 -10.37 18.08
CA MET C 289 42.73 -8.91 18.23
C MET C 289 42.11 -8.40 19.54
N GLY C 290 41.20 -9.17 20.15
CA GLY C 290 40.59 -8.80 21.43
C GLY C 290 39.59 -7.66 21.38
N ASN C 291 39.16 -7.29 20.18
CA ASN C 291 38.25 -6.16 19.99
C ASN C 291 36.84 -6.53 20.36
N LYS C 292 36.07 -5.53 20.75
CA LYS C 292 34.63 -5.64 20.79
C LYS C 292 34.09 -5.48 19.36
N ALA C 293 32.85 -5.91 19.18
CA ALA C 293 32.12 -5.66 17.95
C ALA C 293 30.92 -4.79 18.28
N SER C 294 30.26 -4.30 17.24
CA SER C 294 28.96 -3.65 17.43
C SER C 294 28.07 -3.80 16.20
N TYR C 295 26.78 -3.56 16.42
CA TYR C 295 25.81 -3.32 15.35
C TYR C 295 25.10 -2.02 15.69
N ILE C 296 24.49 -1.41 14.68
CA ILE C 296 23.86 -0.09 14.80
C ILE C 296 22.36 -0.24 14.68
N HIS C 297 21.63 0.51 15.51
CA HIS C 297 20.22 0.75 15.27
C HIS C 297 20.05 2.12 14.63
N LEU C 298 19.39 2.12 13.48
CA LEU C 298 19.06 3.31 12.72
C LEU C 298 17.53 3.41 12.76
N GLN C 299 16.98 4.44 13.40
CA GLN C 299 15.51 4.61 13.45
C GLN C 299 15.05 5.61 12.40
N GLY C 300 13.84 5.42 11.89
CA GLY C 300 13.31 6.26 10.79
C GLY C 300 13.02 7.70 11.17
N SER C 301 12.68 7.94 12.43
CA SER C 301 12.55 9.30 12.96
C SER C 301 13.95 9.82 13.25
N ASP C 302 14.67 9.05 14.05
CA ASP C 302 16.02 9.40 14.49
C ASP C 302 17.03 8.66 13.63
N LEU C 303 17.40 9.26 12.50
CA LEU C 303 18.39 8.68 11.58
C LEU C 303 19.85 8.73 12.10
N ARG C 304 20.08 9.17 13.35
CA ARG C 304 21.40 9.04 13.97
C ARG C 304 21.62 7.58 14.41
N PRO C 305 22.88 7.10 14.37
CA PRO C 305 23.16 5.72 14.74
C PRO C 305 23.26 5.51 16.25
N GLN C 306 22.59 4.47 16.76
CA GLN C 306 22.73 4.07 18.16
C GLN C 306 23.51 2.76 18.21
N PHE C 307 24.66 2.81 18.87
CA PHE C 307 25.61 1.70 18.86
C PHE C 307 25.30 0.68 19.95
N HIS C 308 25.40 -0.60 19.61
CA HIS C 308 25.23 -1.70 20.56
C HIS C 308 26.48 -2.57 20.52
N GLN C 309 27.38 -2.36 21.47
CA GLN C 309 28.61 -3.16 21.57
C GLN C 309 28.34 -4.58 22.04
N PHE C 310 29.23 -5.51 21.67
CA PHE C 310 29.12 -6.92 22.09
C PHE C 310 30.46 -7.62 21.96
N THR C 311 30.64 -8.68 22.74
CA THR C 311 31.90 -9.42 22.78
C THR C 311 31.71 -10.82 22.21
N ALA C 312 32.81 -11.51 22.00
CA ALA C 312 32.84 -12.79 21.30
C ALA C 312 32.27 -13.93 22.14
N VAL C 313 31.70 -14.92 21.46
CA VAL C 313 31.20 -16.13 22.12
C VAL C 313 32.09 -17.30 21.72
N PRO C 314 31.99 -18.45 22.43
CA PRO C 314 32.81 -19.60 22.03
C PRO C 314 32.42 -20.18 20.68
N HIS C 315 33.37 -20.88 20.07
CA HIS C 315 33.15 -21.62 18.83
C HIS C 315 33.99 -22.91 18.91
N PRO C 316 33.77 -23.85 17.98
CA PRO C 316 34.62 -25.05 17.95
C PRO C 316 36.09 -24.76 17.74
N ASN C 317 36.94 -25.69 18.17
CA ASN C 317 38.38 -25.58 17.98
C ASN C 317 38.76 -25.83 16.51
N VAL C 318 38.45 -24.83 15.67
CA VAL C 318 38.91 -24.73 14.31
C VAL C 318 39.62 -23.39 14.28
N LYS C 319 40.92 -23.38 14.03
CA LYS C 319 41.68 -22.13 14.06
C LYS C 319 41.28 -21.24 12.87
N PRO C 320 41.48 -19.91 13.01
CA PRO C 320 41.29 -19.03 11.86
C PRO C 320 42.30 -19.34 10.76
N MET C 321 41.90 -19.12 9.51
CA MET C 321 42.72 -19.39 8.33
C MET C 321 43.04 -20.88 8.14
N ALA C 322 42.27 -21.78 8.77
CA ALA C 322 42.54 -23.23 8.69
C ALA C 322 42.40 -23.77 7.27
N TYR C 323 41.52 -23.18 6.47
CA TYR C 323 41.33 -23.56 5.07
C TYR C 323 42.14 -22.69 4.09
N ALA C 324 42.95 -21.79 4.61
CA ALA C 324 43.65 -20.77 3.81
C ALA C 324 44.99 -21.29 3.32
N ASN C 325 45.72 -20.40 2.63
CA ASN C 325 47.08 -20.65 2.18
C ASN C 325 48.05 -20.96 3.33
N THR C 326 48.98 -21.88 3.08
CA THR C 326 50.02 -22.22 4.07
C THR C 326 51.13 -21.16 4.12
N PRO D 13 -9.00 -9.95 12.01
CA PRO D 13 -8.12 -10.50 13.03
C PRO D 13 -7.02 -11.40 12.44
N LYS D 14 -5.81 -11.27 12.97
CA LYS D 14 -4.65 -11.98 12.43
C LYS D 14 -3.82 -12.63 13.54
N LEU D 15 -3.29 -13.82 13.24
CA LEU D 15 -2.50 -14.59 14.22
C LEU D 15 -1.11 -13.98 14.40
N GLU D 16 -0.74 -13.73 15.66
CA GLU D 16 0.58 -13.22 16.00
C GLU D 16 1.58 -14.38 16.06
N ASP D 17 2.54 -14.40 15.13
CA ASP D 17 3.46 -15.54 14.89
C ASP D 17 2.73 -16.84 14.47
N GLY D 18 1.55 -16.73 13.87
CA GLY D 18 0.73 -17.91 13.54
C GLY D 18 0.22 -18.67 14.77
N LYS D 19 0.02 -17.96 15.88
CA LYS D 19 -0.48 -18.53 17.13
C LYS D 19 -1.58 -17.65 17.72
N VAL D 20 -2.53 -18.28 18.41
CA VAL D 20 -3.68 -17.59 18.97
C VAL D 20 -3.28 -16.88 20.26
N THR D 21 -3.86 -15.71 20.47
CA THR D 21 -3.61 -14.87 21.64
C THR D 21 -4.94 -14.33 22.16
N ILE D 22 -4.90 -13.76 23.36
CA ILE D 22 -6.09 -13.17 23.97
C ILE D 22 -6.67 -12.02 23.13
N SER D 23 -5.80 -11.18 22.56
CA SER D 23 -6.24 -10.05 21.72
C SER D 23 -6.82 -10.49 20.38
N PHE D 24 -6.27 -11.56 19.81
CA PHE D 24 -6.84 -12.16 18.60
C PHE D 24 -8.27 -12.65 18.83
N MET D 25 -8.47 -13.36 19.93
CA MET D 25 -9.78 -13.91 20.28
C MET D 25 -10.82 -12.81 20.51
N LYS D 26 -10.42 -11.73 21.20
CA LYS D 26 -11.31 -10.59 21.42
C LYS D 26 -11.71 -9.90 20.12
N GLU D 27 -10.72 -9.70 19.25
CA GLU D 27 -10.96 -9.22 17.89
C GLU D 27 -11.85 -10.15 17.09
N LEU D 28 -11.58 -11.46 17.18
CA LEU D 28 -12.38 -12.48 16.49
C LEU D 28 -13.85 -12.41 16.88
N MET D 29 -14.08 -12.39 18.19
CA MET D 29 -15.44 -12.33 18.75
C MET D 29 -16.18 -11.07 18.31
N GLN D 30 -15.50 -9.94 18.33
CA GLN D 30 -16.06 -8.69 17.80
C GLN D 30 -16.32 -8.76 16.29
N TRP D 31 -15.35 -9.32 15.54
CA TRP D 31 -15.43 -9.45 14.08
C TRP D 31 -16.68 -10.23 13.70
N TYR D 32 -16.88 -11.34 14.42
CA TYR D 32 -18.06 -12.18 14.28
C TYR D 32 -19.36 -11.53 14.75
N LYS D 33 -19.30 -10.82 15.87
CA LYS D 33 -20.48 -10.09 16.34
C LYS D 33 -20.99 -9.17 15.22
N ASP D 34 -20.05 -8.51 14.53
CA ASP D 34 -20.40 -7.64 13.37
C ASP D 34 -20.58 -8.38 12.03
N GLN D 35 -20.79 -9.71 12.08
CA GLN D 35 -21.17 -10.53 10.92
C GLN D 35 -20.13 -10.58 9.80
N LYS D 36 -18.85 -10.52 10.17
CA LYS D 36 -17.75 -10.58 9.21
C LYS D 36 -17.07 -11.95 9.26
N LYS D 37 -16.41 -12.31 8.16
CA LYS D 37 -15.85 -13.64 7.95
C LYS D 37 -14.35 -13.62 8.27
N LEU D 38 -13.89 -14.60 9.04
CA LEU D 38 -12.46 -14.77 9.28
C LEU D 38 -11.83 -15.28 7.98
N HIS D 39 -10.66 -14.75 7.64
CA HIS D 39 -10.02 -15.10 6.37
C HIS D 39 -9.73 -16.62 6.26
N ARG D 40 -10.01 -17.20 5.09
CA ARG D 40 -9.85 -18.65 4.82
C ARG D 40 -8.52 -19.26 5.31
N LYS D 41 -7.43 -18.50 5.17
CA LYS D 41 -6.11 -18.91 5.61
C LYS D 41 -5.97 -18.98 7.13
N CYS D 42 -6.62 -18.06 7.84
CA CYS D 42 -6.65 -18.10 9.31
C CYS D 42 -7.54 -19.24 9.82
N ALA D 43 -8.71 -19.38 9.19
CA ALA D 43 -9.62 -20.51 9.45
C ALA D 43 -8.94 -21.86 9.23
N TYR D 44 -8.21 -21.96 8.12
CA TYR D 44 -7.40 -23.14 7.84
C TYR D 44 -6.34 -23.40 8.93
N GLN D 45 -5.63 -22.36 9.34
CA GLN D 45 -4.59 -22.50 10.36
C GLN D 45 -5.12 -23.00 11.70
N ILE D 46 -6.15 -22.33 12.23
CA ILE D 46 -6.85 -22.80 13.43
C ILE D 46 -7.21 -24.29 13.33
N LEU D 47 -7.74 -24.70 12.18
CA LEU D 47 -8.23 -26.07 11.98
C LEU D 47 -7.13 -27.14 11.98
N VAL D 48 -6.01 -26.87 11.32
CA VAL D 48 -4.89 -27.83 11.30
C VAL D 48 -4.17 -27.88 12.66
N GLN D 49 -4.06 -26.73 13.32
CA GLN D 49 -3.47 -26.67 14.65
C GLN D 49 -4.33 -27.39 15.72
N VAL D 50 -5.65 -27.15 15.70
CA VAL D 50 -6.54 -27.77 16.69
C VAL D 50 -6.67 -29.28 16.45
N LYS D 51 -6.66 -29.69 15.19
CA LYS D 51 -6.56 -31.12 14.80
C LYS D 51 -5.35 -31.80 15.46
N GLU D 52 -4.23 -31.09 15.53
CA GLU D 52 -3.01 -31.59 16.17
C GLU D 52 -3.12 -31.67 17.70
N VAL D 53 -3.80 -30.69 18.31
CA VAL D 53 -4.07 -30.73 19.75
C VAL D 53 -5.01 -31.90 20.08
N LEU D 54 -6.12 -31.99 19.35
CA LEU D 54 -7.15 -32.99 19.62
C LEU D 54 -6.72 -34.44 19.34
N SER D 55 -5.95 -34.65 18.28
CA SER D 55 -5.54 -36.02 17.92
C SER D 55 -4.57 -36.64 18.93
N LYS D 56 -3.88 -35.80 19.72
CA LYS D 56 -3.02 -36.24 20.82
C LYS D 56 -3.76 -36.50 22.16
N LEU D 57 -5.06 -36.23 22.22
CA LEU D 57 -5.85 -36.49 23.43
C LEU D 57 -6.44 -37.90 23.41
N SER D 58 -6.59 -38.47 24.60
CA SER D 58 -7.36 -39.71 24.77
C SER D 58 -8.82 -39.44 24.43
N THR D 59 -9.53 -40.50 24.00
CA THR D 59 -10.98 -40.45 23.80
C THR D 59 -11.70 -40.05 25.12
N LEU D 60 -11.10 -40.43 26.25
CA LEU D 60 -11.54 -40.00 27.58
C LEU D 60 -10.54 -38.98 28.14
N VAL D 61 -10.98 -37.73 28.28
CA VAL D 61 -10.16 -36.71 28.92
C VAL D 61 -10.35 -36.83 30.44
N GLU D 62 -9.24 -36.86 31.17
CA GLU D 62 -9.28 -37.03 32.62
C GLU D 62 -8.69 -35.78 33.25
N THR D 63 -9.52 -35.07 34.01
CA THR D 63 -9.18 -33.74 34.52
C THR D 63 -9.30 -33.71 36.05
N THR D 64 -8.34 -33.03 36.68
CA THR D 64 -8.29 -32.86 38.12
C THR D 64 -8.64 -31.41 38.48
N LEU D 65 -9.67 -31.24 39.30
CA LEU D 65 -9.96 -29.96 39.96
C LEU D 65 -9.35 -30.00 41.36
N LYS D 66 -8.43 -29.08 41.63
CA LYS D 66 -7.89 -28.88 42.98
C LYS D 66 -8.93 -28.21 43.87
N GLU D 67 -8.66 -28.22 45.17
CA GLU D 67 -9.57 -27.70 46.21
C GLU D 67 -10.34 -26.43 45.83
N THR D 68 -9.62 -25.39 45.41
CA THR D 68 -10.22 -24.08 45.12
C THR D 68 -10.32 -23.76 43.61
N GLU D 69 -10.22 -24.80 42.76
CA GLU D 69 -10.43 -24.65 41.31
C GLU D 69 -11.91 -24.85 40.98
N LYS D 70 -12.29 -24.42 39.79
CA LYS D 70 -13.67 -24.57 39.31
C LYS D 70 -13.68 -24.90 37.83
N ILE D 71 -14.85 -25.27 37.33
CA ILE D 71 -15.04 -25.48 35.89
C ILE D 71 -16.52 -25.27 35.53
N THR D 72 -16.74 -24.67 34.36
CA THR D 72 -18.09 -24.47 33.84
C THR D 72 -18.38 -25.50 32.76
N VAL D 73 -19.49 -26.23 32.92
CA VAL D 73 -19.92 -27.17 31.90
C VAL D 73 -21.09 -26.54 31.16
N CYS D 74 -20.98 -26.48 29.84
CA CYS D 74 -22.06 -26.04 28.96
C CYS D 74 -22.48 -27.19 28.06
N GLY D 75 -23.76 -27.19 27.70
CA GLY D 75 -24.31 -28.15 26.77
C GLY D 75 -24.40 -27.59 25.37
N ASP D 76 -25.36 -28.11 24.60
CA ASP D 76 -25.54 -27.76 23.19
C ASP D 76 -25.56 -26.25 23.00
N THR D 77 -24.87 -25.78 21.96
CA THR D 77 -24.94 -24.37 21.54
C THR D 77 -25.50 -24.18 20.12
N HIS D 78 -25.38 -25.20 19.26
CA HIS D 78 -26.05 -25.25 17.96
C HIS D 78 -26.02 -23.95 17.16
N GLY D 79 -24.82 -23.41 16.98
CA GLY D 79 -24.62 -22.24 16.13
C GLY D 79 -25.30 -20.96 16.57
N GLN D 80 -25.64 -20.86 17.86
CA GLN D 80 -26.22 -19.64 18.43
C GLN D 80 -25.10 -18.77 19.01
N PHE D 81 -24.33 -18.18 18.10
CA PHE D 81 -23.11 -17.43 18.45
C PHE D 81 -23.35 -16.27 19.44
N TYR D 82 -24.46 -15.56 19.31
CA TYR D 82 -24.72 -14.37 20.16
C TYR D 82 -25.08 -14.81 21.58
N ASP D 83 -25.70 -15.98 21.71
CA ASP D 83 -25.90 -16.62 23.02
C ASP D 83 -24.59 -17.19 23.59
N LEU D 84 -23.71 -17.71 22.74
CA LEU D 84 -22.39 -18.13 23.19
C LEU D 84 -21.64 -16.94 23.81
N LEU D 85 -21.61 -15.80 23.12
CA LEU D 85 -20.96 -14.60 23.70
C LEU D 85 -21.65 -14.18 25.01
N ASN D 86 -22.98 -14.30 25.08
CA ASN D 86 -23.70 -14.02 26.32
C ASN D 86 -23.25 -14.88 27.50
N ILE D 87 -22.96 -16.17 27.26
CA ILE D 87 -22.41 -17.06 28.29
C ILE D 87 -21.13 -16.44 28.84
N PHE D 88 -20.26 -15.99 27.94
CA PHE D 88 -19.00 -15.38 28.32
C PHE D 88 -19.19 -14.02 29.00
N GLU D 89 -20.26 -13.31 28.64
CA GLU D 89 -20.62 -12.06 29.36
C GLU D 89 -21.17 -12.34 30.77
N LEU D 90 -22.06 -13.32 30.89
CA LEU D 90 -22.62 -13.69 32.20
C LEU D 90 -21.61 -14.39 33.12
N ASN D 91 -20.78 -15.26 32.55
CA ASN D 91 -19.89 -16.14 33.33
C ASN D 91 -18.39 -15.79 33.27
N GLY D 92 -18.01 -14.84 32.43
CA GLY D 92 -16.59 -14.51 32.22
C GLY D 92 -16.02 -15.27 31.03
N LEU D 93 -14.98 -14.70 30.43
CA LEU D 93 -14.31 -15.33 29.30
C LEU D 93 -13.54 -16.55 29.79
N PRO D 94 -13.26 -17.52 28.90
CA PRO D 94 -12.39 -18.62 29.28
C PRO D 94 -11.00 -18.14 29.67
N SER D 95 -10.42 -18.77 30.69
CA SER D 95 -9.03 -18.52 31.08
C SER D 95 -8.50 -19.71 31.87
N GLU D 96 -7.22 -19.63 32.26
CA GLU D 96 -6.64 -20.62 33.18
C GLU D 96 -7.34 -20.66 34.54
N THR D 97 -8.00 -19.56 34.93
CA THR D 97 -8.75 -19.48 36.19
C THR D 97 -10.28 -19.59 36.03
N ASN D 98 -10.77 -19.61 34.78
CA ASN D 98 -12.19 -19.78 34.49
C ASN D 98 -12.34 -20.83 33.37
N PRO D 99 -12.06 -22.11 33.69
CA PRO D 99 -12.07 -23.16 32.68
C PRO D 99 -13.47 -23.59 32.20
N TYR D 100 -13.55 -24.11 30.97
CA TYR D 100 -14.82 -24.49 30.34
C TYR D 100 -14.79 -25.89 29.76
N ILE D 101 -15.95 -26.55 29.78
CA ILE D 101 -16.23 -27.71 28.96
C ILE D 101 -17.51 -27.42 28.15
N PHE D 102 -17.41 -27.53 26.83
CA PHE D 102 -18.57 -27.50 25.94
C PHE D 102 -18.86 -28.92 25.43
N ASN D 103 -20.05 -29.40 25.75
CA ASN D 103 -20.40 -30.81 25.64
C ASN D 103 -21.14 -31.14 24.33
N GLY D 104 -20.44 -30.95 23.22
CA GLY D 104 -20.97 -31.28 21.88
C GLY D 104 -22.07 -30.39 21.34
N ASP D 105 -22.45 -30.68 20.10
CA ASP D 105 -23.53 -29.98 19.39
C ASP D 105 -23.28 -28.46 19.37
N PHE D 106 -22.12 -28.12 18.83
CA PHE D 106 -21.69 -26.75 18.58
C PHE D 106 -22.37 -26.18 17.33
N VAL D 107 -22.70 -27.08 16.39
CA VAL D 107 -23.10 -26.71 15.04
C VAL D 107 -24.47 -27.31 14.73
N ASP D 108 -25.00 -26.89 13.57
CA ASP D 108 -26.33 -27.22 13.06
C ASP D 108 -27.42 -26.43 13.76
N ARG D 109 -28.53 -26.31 13.05
CA ARG D 109 -29.74 -25.63 13.50
C ARG D 109 -29.56 -24.12 13.48
N GLY D 110 -28.68 -23.59 14.33
CA GLY D 110 -28.37 -22.15 14.29
C GLY D 110 -27.55 -21.79 13.08
N SER D 111 -27.68 -20.54 12.63
CA SER D 111 -27.06 -20.08 11.38
C SER D 111 -25.74 -19.33 11.60
N PHE D 112 -25.20 -19.40 12.81
CA PHE D 112 -23.86 -18.91 13.09
C PHE D 112 -22.99 -20.05 13.62
N SER D 113 -23.12 -21.21 12.98
CA SER D 113 -22.35 -22.41 13.38
C SER D 113 -20.84 -22.22 13.16
N VAL D 114 -20.48 -21.56 12.06
CA VAL D 114 -19.09 -21.32 11.70
C VAL D 114 -18.40 -20.43 12.75
N GLU D 115 -19.12 -19.40 13.18
CA GLU D 115 -18.64 -18.48 14.20
C GLU D 115 -18.50 -19.15 15.57
N VAL D 116 -19.43 -20.04 15.90
CA VAL D 116 -19.33 -20.80 17.16
C VAL D 116 -18.09 -21.68 17.15
N ILE D 117 -17.95 -22.49 16.12
CA ILE D 117 -16.94 -23.55 16.12
C ILE D 117 -15.52 -22.97 16.06
N LEU D 118 -15.34 -21.92 15.27
CA LEU D 118 -14.02 -21.27 15.17
C LEU D 118 -13.65 -20.50 16.44
N THR D 119 -14.63 -19.88 17.09
CA THR D 119 -14.41 -19.28 18.40
C THR D 119 -14.00 -20.31 19.45
N LEU D 120 -14.70 -21.44 19.49
CA LEU D 120 -14.38 -22.52 20.43
C LEU D 120 -13.03 -23.13 20.11
N PHE D 121 -12.76 -23.41 18.83
CA PHE D 121 -11.45 -23.96 18.45
C PHE D 121 -10.32 -23.00 18.78
N GLY D 122 -10.56 -21.69 18.57
CA GLY D 122 -9.63 -20.65 18.98
C GLY D 122 -9.31 -20.64 20.48
N PHE D 123 -10.34 -20.73 21.31
CA PHE D 123 -10.12 -20.81 22.76
C PHE D 123 -9.45 -22.12 23.17
N LYS D 124 -9.69 -23.20 22.43
CA LYS D 124 -9.02 -24.48 22.65
C LYS D 124 -7.51 -24.34 22.42
N LEU D 125 -7.13 -23.73 21.30
CA LEU D 125 -5.71 -23.45 21.02
C LEU D 125 -5.06 -22.53 22.05
N LEU D 126 -5.80 -21.53 22.51
CA LEU D 126 -5.29 -20.57 23.49
C LEU D 126 -5.16 -21.16 24.91
N TYR D 127 -6.17 -21.91 25.36
CA TYR D 127 -6.14 -22.55 26.69
C TYR D 127 -6.40 -24.06 26.58
N PRO D 128 -5.44 -24.81 26.01
CA PRO D 128 -5.67 -26.24 25.73
C PRO D 128 -5.86 -27.17 26.93
N ASP D 129 -5.39 -26.75 28.11
CA ASP D 129 -5.56 -27.51 29.36
C ASP D 129 -6.77 -27.05 30.20
N HIS D 130 -7.38 -25.92 29.83
CA HIS D 130 -8.52 -25.37 30.56
C HIS D 130 -9.77 -25.09 29.72
N PHE D 131 -9.71 -25.43 28.43
CA PHE D 131 -10.85 -25.29 27.55
C PHE D 131 -11.02 -26.62 26.82
N HIS D 132 -12.12 -27.29 27.07
CA HIS D 132 -12.30 -28.66 26.61
C HIS D 132 -13.54 -28.75 25.72
N LEU D 133 -13.40 -29.50 24.63
CA LEU D 133 -14.48 -29.72 23.67
C LEU D 133 -14.70 -31.21 23.48
N LEU D 134 -15.95 -31.64 23.66
CA LEU D 134 -16.34 -33.04 23.50
C LEU D 134 -17.24 -33.16 22.29
N ARG D 135 -17.13 -34.27 21.59
CA ARG D 135 -17.92 -34.48 20.39
C ARG D 135 -19.39 -34.67 20.74
N GLY D 136 -20.28 -34.04 19.98
CA GLY D 136 -21.70 -34.38 20.00
C GLY D 136 -22.11 -35.03 18.69
N ASN D 137 -23.33 -35.56 18.65
CA ASN D 137 -23.85 -36.22 17.43
C ASN D 137 -24.01 -35.29 16.23
N HIS D 138 -24.13 -33.99 16.47
CA HIS D 138 -24.13 -33.02 15.37
C HIS D 138 -22.72 -32.66 14.86
N GLU D 139 -21.66 -33.17 15.50
CA GLU D 139 -20.31 -33.09 14.93
C GLU D 139 -20.02 -34.38 14.09
N THR D 140 -20.95 -34.68 13.19
CA THR D 140 -20.89 -35.85 12.27
C THR D 140 -21.52 -35.47 10.92
N ASP D 141 -21.31 -36.31 9.91
CA ASP D 141 -21.64 -35.95 8.52
C ASP D 141 -23.13 -35.97 8.22
N ASN D 142 -23.81 -37.05 8.59
CA ASN D 142 -25.24 -37.19 8.32
C ASN D 142 -26.07 -36.03 8.90
N MET D 143 -25.65 -35.54 10.06
CA MET D 143 -26.33 -34.41 10.69
C MET D 143 -25.95 -33.09 10.03
N ASN D 144 -24.65 -32.91 9.75
CA ASN D 144 -24.14 -31.70 9.08
C ASN D 144 -24.70 -31.52 7.67
N GLN D 145 -24.88 -32.63 6.96
CA GLN D 145 -25.38 -32.63 5.58
C GLN D 145 -26.80 -32.08 5.44
N ILE D 146 -27.63 -32.25 6.47
CA ILE D 146 -29.05 -31.83 6.38
C ILE D 146 -29.53 -30.79 7.40
N TYR D 147 -28.77 -30.55 8.48
CA TYR D 147 -29.22 -29.60 9.50
C TYR D 147 -28.45 -28.25 9.51
N GLY D 148 -27.74 -27.94 8.43
CA GLY D 148 -27.25 -26.57 8.18
C GLY D 148 -25.76 -26.32 8.10
N PHE D 149 -24.93 -27.14 8.77
CA PHE D 149 -23.51 -26.81 8.90
C PHE D 149 -22.71 -27.02 7.62
N GLU D 150 -23.00 -28.08 6.86
CA GLU D 150 -22.31 -28.27 5.57
C GLU D 150 -22.70 -27.14 4.62
N GLY D 151 -23.99 -26.86 4.53
CA GLY D 151 -24.50 -25.72 3.78
C GLY D 151 -23.80 -24.41 4.14
N GLU D 152 -23.61 -24.16 5.43
CA GLU D 152 -23.00 -22.91 5.91
C GLU D 152 -21.52 -22.81 5.58
N VAL D 153 -20.78 -23.91 5.74
CA VAL D 153 -19.36 -23.95 5.38
C VAL D 153 -19.18 -23.77 3.86
N LYS D 154 -20.07 -24.36 3.06
CA LYS D 154 -20.01 -24.20 1.59
C LYS D 154 -20.35 -22.76 1.16
N ALA D 155 -21.31 -22.14 1.84
CA ALA D 155 -21.70 -20.76 1.54
C ALA D 155 -20.60 -19.75 1.90
N LYS D 156 -20.01 -19.91 3.09
CA LYS D 156 -18.98 -18.99 3.59
C LYS D 156 -17.55 -19.31 3.15
N TYR D 157 -17.27 -20.59 2.90
CA TYR D 157 -15.96 -21.02 2.44
C TYR D 157 -16.16 -21.95 1.24
N THR D 158 -15.71 -23.21 1.32
CA THR D 158 -15.77 -24.15 0.20
C THR D 158 -16.16 -25.53 0.68
N ALA D 159 -16.46 -26.40 -0.28
CA ALA D 159 -16.73 -27.81 -0.01
C ALA D 159 -15.54 -28.48 0.67
N GLN D 160 -14.33 -28.11 0.31
CA GLN D 160 -13.12 -28.72 0.89
C GLN D 160 -12.91 -28.30 2.34
N MET D 161 -13.26 -27.06 2.68
CA MET D 161 -13.12 -26.57 4.07
C MET D 161 -14.01 -27.41 5.00
N TYR D 162 -15.18 -27.82 4.51
CA TYR D 162 -16.06 -28.73 5.23
C TYR D 162 -15.40 -30.09 5.52
N GLU D 163 -14.71 -30.65 4.52
CA GLU D 163 -14.00 -31.93 4.70
C GLU D 163 -12.96 -31.86 5.80
N LEU D 164 -12.23 -30.74 5.86
CA LEU D 164 -11.30 -30.48 6.96
C LEU D 164 -12.01 -30.32 8.32
N PHE D 165 -13.16 -29.64 8.34
CA PHE D 165 -13.99 -29.56 9.57
C PHE D 165 -14.41 -30.95 10.03
N SER D 166 -14.97 -31.73 9.11
CA SER D 166 -15.44 -33.08 9.41
C SER D 166 -14.33 -33.95 10.02
N GLU D 167 -13.11 -33.82 9.48
CA GLU D 167 -11.97 -34.63 9.93
C GLU D 167 -11.38 -34.12 11.25
N VAL D 168 -11.53 -32.83 11.55
CA VAL D 168 -11.22 -32.27 12.87
C VAL D 168 -12.21 -32.78 13.93
N PHE D 169 -13.50 -32.76 13.60
CA PHE D 169 -14.54 -33.29 14.47
C PHE D 169 -14.30 -34.74 14.88
N GLU D 170 -13.84 -35.55 13.93
CA GLU D 170 -13.46 -36.94 14.19
C GLU D 170 -12.43 -37.12 15.33
N TRP D 171 -11.58 -36.13 15.57
CA TRP D 171 -10.60 -36.18 16.67
C TRP D 171 -11.07 -35.60 18.02
N LEU D 172 -12.29 -35.08 18.08
CA LEU D 172 -12.87 -34.59 19.34
C LEU D 172 -13.03 -35.75 20.33
N PRO D 173 -12.53 -35.62 21.56
CA PRO D 173 -12.81 -36.64 22.60
C PRO D 173 -14.30 -36.94 22.77
N LEU D 174 -14.61 -38.14 23.26
CA LEU D 174 -16.01 -38.57 23.44
C LEU D 174 -16.51 -38.42 24.87
N ALA D 175 -15.62 -38.26 25.84
CA ALA D 175 -16.02 -38.07 27.23
C ALA D 175 -14.93 -37.45 28.08
N GLN D 176 -15.34 -36.91 29.22
CA GLN D 176 -14.43 -36.28 30.16
C GLN D 176 -14.82 -36.65 31.58
N CYS D 177 -13.85 -37.14 32.35
CA CYS D 177 -14.06 -37.49 33.74
C CYS D 177 -13.37 -36.51 34.66
N ILE D 178 -14.12 -35.94 35.62
CA ILE D 178 -13.59 -34.99 36.59
C ILE D 178 -13.35 -35.69 37.92
N ASN D 179 -12.09 -35.68 38.38
CA ASN D 179 -11.67 -36.23 39.68
C ASN D 179 -12.02 -37.71 39.92
N GLY D 180 -12.19 -38.48 38.86
CA GLY D 180 -12.66 -39.88 38.96
C GLY D 180 -14.06 -40.02 39.52
N LYS D 181 -14.86 -38.95 39.47
CA LYS D 181 -16.19 -38.93 40.09
C LYS D 181 -17.33 -38.49 39.16
N VAL D 182 -17.11 -37.45 38.34
CA VAL D 182 -18.13 -36.96 37.42
C VAL D 182 -17.73 -37.30 35.98
N LEU D 183 -18.58 -38.02 35.25
CA LEU D 183 -18.33 -38.35 33.84
C LEU D 183 -19.25 -37.55 32.94
N ILE D 184 -18.66 -36.87 31.97
CA ILE D 184 -19.37 -35.98 31.07
C ILE D 184 -19.27 -36.56 29.68
N MET D 185 -20.43 -36.72 29.03
CA MET D 185 -20.51 -37.11 27.61
C MET D 185 -21.71 -36.45 26.97
N HIS D 186 -21.76 -36.44 25.65
CA HIS D 186 -22.79 -35.68 24.97
C HIS D 186 -24.15 -36.34 25.12
N GLY D 187 -24.23 -37.61 24.72
CA GLY D 187 -25.49 -38.35 24.68
C GLY D 187 -25.81 -38.99 26.00
N GLY D 188 -25.20 -40.14 26.25
CA GLY D 188 -25.45 -40.87 27.48
C GLY D 188 -24.69 -42.18 27.59
N LEU D 189 -25.28 -43.11 28.33
CA LEU D 189 -24.68 -44.40 28.62
C LEU D 189 -25.09 -45.43 27.56
N PHE D 190 -24.82 -46.72 27.83
CA PHE D 190 -24.67 -47.71 26.78
C PHE D 190 -25.86 -48.66 26.66
N SER D 191 -26.02 -49.22 25.46
CA SER D 191 -27.09 -50.18 25.15
C SER D 191 -26.74 -51.60 25.61
N GLU D 192 -25.50 -51.80 26.07
CA GLU D 192 -25.09 -53.05 26.68
C GLU D 192 -24.38 -52.76 28.00
N ASP D 193 -24.47 -53.71 28.93
CA ASP D 193 -23.85 -53.58 30.24
C ASP D 193 -22.35 -53.87 30.21
N GLY D 194 -21.65 -53.39 31.23
CA GLY D 194 -20.22 -53.66 31.39
C GLY D 194 -19.22 -52.87 30.56
N VAL D 195 -19.63 -51.72 30.02
CA VAL D 195 -18.66 -50.79 29.44
C VAL D 195 -17.98 -50.06 30.60
N THR D 196 -16.65 -49.96 30.52
CA THR D 196 -15.86 -49.29 31.55
C THR D 196 -15.16 -48.03 31.03
N LEU D 197 -14.58 -47.27 31.95
CA LEU D 197 -13.75 -46.11 31.63
C LEU D 197 -12.57 -46.47 30.73
N ASP D 198 -11.94 -47.62 31.01
CA ASP D 198 -10.85 -48.14 30.17
C ASP D 198 -11.31 -48.44 28.73
N ASP D 199 -12.52 -48.98 28.57
CA ASP D 199 -13.10 -49.16 27.24
C ASP D 199 -13.20 -47.82 26.52
N ILE D 200 -13.77 -46.82 27.19
CA ILE D 200 -14.01 -45.51 26.58
C ILE D 200 -12.68 -44.90 26.10
N ARG D 201 -11.66 -44.94 26.95
CA ARG D 201 -10.28 -44.55 26.57
C ARG D 201 -9.80 -45.16 25.25
N LYS D 202 -10.07 -46.44 25.06
CA LYS D 202 -9.59 -47.23 23.91
C LYS D 202 -10.50 -47.23 22.68
N ILE D 203 -11.66 -46.56 22.74
CA ILE D 203 -12.50 -46.41 21.55
C ILE D 203 -11.65 -45.70 20.48
N GLU D 204 -11.64 -46.27 19.27
CA GLU D 204 -11.00 -45.65 18.11
C GLU D 204 -11.98 -44.65 17.52
N ARG D 205 -11.80 -43.38 17.90
CA ARG D 205 -12.82 -42.34 17.70
C ARG D 205 -12.77 -41.58 16.37
N ASN D 206 -11.63 -41.64 15.69
CA ASN D 206 -11.45 -40.92 14.41
C ASN D 206 -12.28 -41.51 13.25
N ARG D 207 -13.59 -41.26 13.29
CA ARG D 207 -14.50 -41.83 12.32
C ARG D 207 -15.89 -41.25 12.46
N GLN D 208 -16.73 -41.55 11.48
CA GLN D 208 -18.16 -41.36 11.63
C GLN D 208 -18.65 -42.47 12.53
N PRO D 209 -19.46 -42.14 13.55
CA PRO D 209 -19.80 -43.16 14.52
C PRO D 209 -20.59 -44.32 13.90
N PRO D 210 -20.44 -45.54 14.45
CA PRO D 210 -21.16 -46.71 13.92
C PRO D 210 -22.66 -46.61 14.17
N ASP D 211 -23.43 -47.50 13.53
CA ASP D 211 -24.87 -47.57 13.73
C ASP D 211 -25.24 -48.06 15.15
N SER D 212 -24.31 -48.76 15.81
CA SER D 212 -24.48 -49.18 17.21
C SER D 212 -23.12 -49.37 17.87
N GLY D 213 -23.12 -49.48 19.19
CA GLY D 213 -21.91 -49.72 19.97
C GLY D 213 -21.56 -48.53 20.84
N PRO D 214 -20.48 -48.65 21.65
CA PRO D 214 -20.10 -47.62 22.62
C PRO D 214 -20.05 -46.18 22.08
N MET D 215 -19.34 -45.99 20.97
CA MET D 215 -19.18 -44.69 20.32
C MET D 215 -20.52 -44.08 19.90
N CYS D 216 -21.38 -44.91 19.31
CA CYS D 216 -22.73 -44.48 18.94
C CYS D 216 -23.54 -44.06 20.17
N ASP D 217 -23.46 -44.87 21.22
CA ASP D 217 -24.19 -44.62 22.47
C ASP D 217 -23.80 -43.31 23.14
N LEU D 218 -22.50 -43.08 23.26
CA LEU D 218 -21.96 -41.86 23.87
C LEU D 218 -22.50 -40.59 23.21
N LEU D 219 -22.71 -40.62 21.89
CA LEU D 219 -23.16 -39.46 21.14
C LEU D 219 -24.68 -39.34 21.00
N TRP D 220 -25.42 -40.44 21.16
CA TRP D 220 -26.85 -40.49 20.79
C TRP D 220 -27.88 -40.90 21.85
N SER D 221 -27.49 -41.71 22.84
CA SER D 221 -28.48 -42.27 23.79
C SER D 221 -29.16 -41.21 24.64
N ASP D 222 -30.28 -41.59 25.25
CA ASP D 222 -31.07 -40.70 26.12
C ASP D 222 -31.48 -41.41 27.40
N PRO D 223 -31.54 -40.69 28.53
CA PRO D 223 -32.12 -41.28 29.75
C PRO D 223 -33.64 -41.41 29.65
N GLN D 224 -34.19 -42.42 30.30
CA GLN D 224 -35.66 -42.57 30.44
C GLN D 224 -36.01 -42.77 31.91
N PRO D 225 -37.24 -42.42 32.32
CA PRO D 225 -37.62 -42.59 33.72
C PRO D 225 -37.69 -44.06 34.19
N GLN D 226 -38.19 -44.96 33.35
CA GLN D 226 -38.39 -46.36 33.75
C GLN D 226 -37.13 -47.20 33.60
N ASN D 227 -37.04 -48.25 34.42
CA ASN D 227 -35.89 -49.16 34.44
C ASN D 227 -35.67 -49.90 33.13
N GLY D 228 -34.49 -50.49 33.01
CA GLY D 228 -34.10 -51.24 31.83
C GLY D 228 -33.74 -50.30 30.70
N ARG D 229 -33.78 -50.84 29.49
CA ARG D 229 -33.49 -50.09 28.29
C ARG D 229 -34.71 -50.17 27.38
N SER D 230 -34.83 -49.19 26.49
CA SER D 230 -35.85 -49.20 25.46
C SER D 230 -35.19 -48.85 24.14
N ILE D 231 -35.88 -49.15 23.04
CA ILE D 231 -35.46 -48.68 21.73
C ILE D 231 -35.55 -47.16 21.70
N SER D 232 -34.62 -46.55 20.97
CA SER D 232 -34.57 -45.10 20.84
C SER D 232 -35.72 -44.60 19.96
N LYS D 233 -36.33 -43.49 20.37
CA LYS D 233 -37.30 -42.77 19.52
C LYS D 233 -36.61 -42.16 18.29
N ARG D 234 -35.31 -41.88 18.42
CA ARG D 234 -34.50 -41.35 17.31
C ARG D 234 -34.16 -42.40 16.25
N GLY D 235 -34.30 -43.69 16.59
CA GLY D 235 -34.01 -44.78 15.67
C GLY D 235 -32.53 -45.14 15.61
N VAL D 236 -31.80 -44.79 16.66
CA VAL D 236 -30.39 -45.17 16.79
C VAL D 236 -30.01 -45.13 18.28
N SER D 237 -29.10 -46.01 18.67
CA SER D 237 -28.74 -46.21 20.08
C SER D 237 -29.96 -46.68 20.91
N CYS D 238 -29.93 -46.43 22.23
CA CYS D 238 -31.04 -46.80 23.11
C CYS D 238 -31.47 -45.65 24.01
N GLN D 239 -32.54 -45.90 24.77
CA GLN D 239 -32.85 -45.14 25.97
C GLN D 239 -32.47 -45.99 27.18
N PHE D 240 -31.89 -45.34 28.21
CA PHE D 240 -31.38 -46.06 29.38
C PHE D 240 -32.07 -45.57 30.63
N GLY D 241 -32.36 -46.49 31.55
CA GLY D 241 -33.06 -46.18 32.79
C GLY D 241 -32.14 -45.95 33.97
N PRO D 242 -32.71 -45.57 35.14
CA PRO D 242 -31.91 -45.28 36.35
C PRO D 242 -31.07 -46.44 36.88
N ASP D 243 -31.53 -47.67 36.65
CA ASP D 243 -30.75 -48.87 37.02
C ASP D 243 -29.50 -49.07 36.12
N VAL D 244 -29.62 -48.74 34.83
CA VAL D 244 -28.47 -48.75 33.91
C VAL D 244 -27.41 -47.75 34.40
N THR D 245 -27.88 -46.57 34.81
CA THR D 245 -27.00 -45.52 35.33
C THR D 245 -26.30 -45.95 36.61
N LYS D 246 -27.08 -46.42 37.59
CA LYS D 246 -26.52 -46.89 38.87
C LYS D 246 -25.50 -48.01 38.67
N ALA D 247 -25.81 -48.95 37.77
CA ALA D 247 -24.92 -50.09 37.49
C ALA D 247 -23.59 -49.63 36.90
N PHE D 248 -23.67 -48.71 35.92
CA PHE D 248 -22.47 -48.09 35.33
C PHE D 248 -21.64 -47.30 36.34
N LEU D 249 -22.32 -46.48 37.16
CA LEU D 249 -21.62 -45.66 38.17
C LEU D 249 -20.91 -46.52 39.21
N GLU D 250 -21.56 -47.58 39.68
CA GLU D 250 -20.96 -48.48 40.68
C GLU D 250 -19.73 -49.22 40.13
N GLU D 251 -19.88 -49.76 38.93
CA GLU D 251 -18.77 -50.47 38.25
C GLU D 251 -17.56 -49.60 37.98
N ASN D 252 -17.78 -48.30 37.81
CA ASN D 252 -16.70 -47.35 37.50
C ASN D 252 -16.32 -46.39 38.62
N ASN D 253 -16.90 -46.58 39.81
CA ASN D 253 -16.61 -45.77 41.00
C ASN D 253 -16.92 -44.29 40.83
N LEU D 254 -18.02 -43.99 40.13
CA LEU D 254 -18.41 -42.63 39.80
C LEU D 254 -19.63 -42.21 40.62
N ASP D 255 -19.83 -40.91 40.78
CA ASP D 255 -20.97 -40.37 41.53
C ASP D 255 -22.16 -40.04 40.65
N TYR D 256 -21.92 -39.39 39.50
CA TYR D 256 -22.99 -39.05 38.54
C TYR D 256 -22.47 -38.69 37.16
N ILE D 257 -23.39 -38.58 36.20
CA ILE D 257 -23.06 -38.13 34.86
C ILE D 257 -23.71 -36.80 34.50
N ILE D 258 -23.03 -36.03 33.66
CA ILE D 258 -23.58 -34.85 33.04
C ILE D 258 -23.59 -35.12 31.55
N ARG D 259 -24.75 -34.91 30.93
CA ARG D 259 -24.89 -35.00 29.50
C ARG D 259 -25.75 -33.86 28.96
N SER D 260 -25.90 -33.79 27.64
CA SER D 260 -26.61 -32.67 27.01
C SER D 260 -27.59 -33.24 25.99
N HIS D 261 -27.44 -32.97 24.69
CA HIS D 261 -28.16 -33.72 23.65
C HIS D 261 -29.64 -33.29 23.49
N GLU D 262 -30.39 -33.26 24.58
CA GLU D 262 -31.83 -32.92 24.54
C GLU D 262 -32.13 -31.48 24.95
N VAL D 263 -32.92 -30.78 24.12
CA VAL D 263 -33.53 -29.52 24.53
C VAL D 263 -34.39 -29.72 25.79
N LYS D 264 -34.20 -28.83 26.77
CA LYS D 264 -35.01 -28.80 27.99
C LYS D 264 -35.59 -27.41 28.13
N ALA D 265 -36.89 -27.33 28.43
CA ALA D 265 -37.58 -26.05 28.64
C ALA D 265 -36.91 -25.16 29.70
N GLU D 266 -36.30 -25.78 30.70
CA GLU D 266 -35.54 -25.06 31.74
C GLU D 266 -34.02 -24.93 31.47
N GLY D 267 -33.54 -25.55 30.38
CA GLY D 267 -32.10 -25.63 30.10
C GLY D 267 -31.35 -26.73 30.84
N TYR D 268 -32.02 -27.41 31.78
CA TYR D 268 -31.42 -28.52 32.53
C TYR D 268 -32.48 -29.44 33.15
N GLU D 269 -32.05 -30.65 33.51
CA GLU D 269 -32.92 -31.63 34.14
C GLU D 269 -32.11 -32.59 35.00
N VAL D 270 -32.58 -32.84 36.21
CA VAL D 270 -31.93 -33.75 37.15
C VAL D 270 -32.80 -35.00 37.24
N ALA D 271 -32.26 -36.14 36.79
CA ALA D 271 -33.01 -37.38 36.66
C ALA D 271 -32.24 -38.52 37.31
N HIS D 272 -32.84 -39.70 37.30
CA HIS D 272 -32.21 -40.94 37.77
C HIS D 272 -31.70 -40.80 39.20
N GLY D 273 -32.49 -40.15 40.05
CA GLY D 273 -32.16 -39.96 41.47
C GLY D 273 -31.00 -39.02 41.73
N GLY D 274 -30.85 -37.99 40.88
CA GLY D 274 -29.72 -37.07 40.95
C GLY D 274 -28.46 -37.52 40.19
N ARG D 275 -28.53 -38.68 39.53
CA ARG D 275 -27.36 -39.34 38.95
C ARG D 275 -27.15 -39.06 37.46
N CYS D 276 -28.18 -38.56 36.79
CA CYS D 276 -28.11 -38.19 35.38
C CYS D 276 -28.63 -36.77 35.18
N VAL D 277 -27.70 -35.83 35.02
CA VAL D 277 -27.99 -34.41 34.81
C VAL D 277 -27.89 -34.06 33.33
N THR D 278 -28.95 -33.48 32.75
CA THR D 278 -28.88 -32.89 31.41
C THR D 278 -28.58 -31.39 31.55
N VAL D 279 -27.63 -30.87 30.76
CA VAL D 279 -27.39 -29.41 30.61
C VAL D 279 -27.48 -29.02 29.12
N PHE D 280 -28.22 -27.95 28.85
CA PHE D 280 -28.52 -27.47 27.49
C PHE D 280 -28.29 -25.96 27.47
N SER D 281 -27.42 -25.48 26.57
CA SER D 281 -26.95 -24.08 26.62
C SER D 281 -27.33 -23.23 25.40
N ALA D 282 -28.44 -23.58 24.75
CA ALA D 282 -28.95 -22.88 23.58
C ALA D 282 -30.35 -22.34 23.90
N PRO D 283 -30.42 -21.12 24.47
CA PRO D 283 -31.71 -20.58 24.87
C PRO D 283 -32.56 -20.21 23.67
N ASN D 284 -33.89 -20.26 23.83
CA ASN D 284 -34.84 -20.01 22.73
C ASN D 284 -34.38 -20.73 21.46
N TYR D 285 -34.22 -22.04 21.61
CA TYR D 285 -33.65 -22.91 20.58
C TYR D 285 -34.37 -22.76 19.24
N CYS D 286 -33.57 -22.58 18.17
CA CYS D 286 -34.06 -22.35 16.80
C CYS D 286 -35.04 -21.17 16.66
N ASP D 287 -34.88 -20.15 17.51
CA ASP D 287 -35.78 -18.97 17.56
C ASP D 287 -37.28 -19.27 17.85
N GLN D 288 -37.62 -20.50 18.24
CA GLN D 288 -39.03 -20.93 18.38
C GLN D 288 -39.42 -21.60 19.70
N MET D 289 -38.50 -22.34 20.33
CA MET D 289 -38.84 -23.21 21.47
C MET D 289 -39.12 -22.43 22.76
N GLY D 290 -38.60 -21.21 22.86
CA GLY D 290 -38.86 -20.34 24.02
C GLY D 290 -38.23 -20.81 25.33
N ASN D 291 -37.30 -21.74 25.25
CA ASN D 291 -36.73 -22.36 26.43
C ASN D 291 -35.63 -21.50 27.04
N LYS D 292 -35.41 -21.64 28.33
CA LYS D 292 -34.22 -21.11 28.96
C LYS D 292 -33.05 -22.07 28.69
N ALA D 293 -31.84 -21.55 28.83
CA ALA D 293 -30.63 -22.35 28.72
C ALA D 293 -29.99 -22.36 30.10
N SER D 294 -29.00 -23.23 30.29
CA SER D 294 -28.20 -23.16 31.51
C SER D 294 -26.75 -23.54 31.31
N TYR D 295 -25.95 -23.19 32.30
CA TYR D 295 -24.59 -23.71 32.45
C TYR D 295 -24.42 -24.13 33.90
N ILE D 296 -23.43 -24.99 34.13
CA ILE D 296 -23.18 -25.61 35.43
C ILE D 296 -21.84 -25.13 35.98
N HIS D 297 -21.80 -24.81 37.28
CA HIS D 297 -20.54 -24.64 38.02
C HIS D 297 -20.27 -25.87 38.89
N LEU D 298 -19.08 -26.45 38.71
CA LEU D 298 -18.55 -27.47 39.60
C LEU D 298 -17.34 -26.88 40.29
N GLN D 299 -17.16 -27.24 41.56
CA GLN D 299 -15.97 -26.86 42.33
C GLN D 299 -15.20 -28.09 42.73
N GLY D 300 -13.88 -27.96 42.84
CA GLY D 300 -13.02 -29.04 43.30
C GLY D 300 -13.26 -29.46 44.75
N SER D 301 -13.78 -28.54 45.57
CA SER D 301 -14.19 -28.83 46.95
C SER D 301 -15.66 -29.27 47.07
N ASP D 302 -16.44 -29.12 46.00
CA ASP D 302 -17.84 -29.54 45.97
C ASP D 302 -18.27 -29.79 44.52
N LEU D 303 -18.32 -31.07 44.12
CA LEU D 303 -18.67 -31.46 42.75
C LEU D 303 -20.19 -31.54 42.47
N ARG D 304 -21.03 -31.15 43.43
CA ARG D 304 -22.47 -31.04 43.18
C ARG D 304 -22.74 -29.89 42.20
N PRO D 305 -23.61 -30.11 41.19
CA PRO D 305 -23.83 -29.09 40.17
C PRO D 305 -24.64 -27.89 40.67
N GLN D 306 -24.17 -26.68 40.42
CA GLN D 306 -24.94 -25.45 40.63
C GLN D 306 -25.36 -24.91 39.27
N PHE D 307 -26.65 -24.69 39.07
CA PHE D 307 -27.21 -24.33 37.78
C PHE D 307 -27.41 -22.82 37.62
N HIS D 308 -27.03 -22.29 36.47
CA HIS D 308 -27.26 -20.88 36.13
C HIS D 308 -28.09 -20.81 34.87
N GLN D 309 -29.28 -20.22 34.98
CA GLN D 309 -30.18 -20.12 33.86
C GLN D 309 -29.97 -18.80 33.14
N PHE D 310 -30.07 -18.83 31.82
CA PHE D 310 -30.03 -17.59 31.03
C PHE D 310 -31.00 -17.65 29.86
N THR D 311 -31.36 -16.46 29.40
CA THR D 311 -32.35 -16.28 28.35
C THR D 311 -31.63 -15.86 27.07
N ALA D 312 -32.29 -16.06 25.93
CA ALA D 312 -31.73 -15.70 24.63
C ALA D 312 -31.52 -14.19 24.50
N VAL D 313 -30.47 -13.80 23.75
CA VAL D 313 -30.22 -12.40 23.42
C VAL D 313 -30.56 -12.15 21.95
N PRO D 314 -30.63 -10.86 21.54
CA PRO D 314 -30.86 -10.61 20.12
C PRO D 314 -29.67 -11.00 19.23
N HIS D 315 -29.98 -11.35 17.99
CA HIS D 315 -28.96 -11.62 16.97
C HIS D 315 -29.43 -10.98 15.67
N PRO D 316 -28.53 -10.86 14.67
CA PRO D 316 -28.92 -10.32 13.37
C PRO D 316 -30.02 -11.12 12.68
N ASN D 317 -30.66 -10.49 11.71
CA ASN D 317 -31.84 -11.04 11.05
C ASN D 317 -31.48 -12.08 9.99
N VAL D 318 -31.05 -13.24 10.46
CA VAL D 318 -30.77 -14.40 9.63
C VAL D 318 -31.51 -15.57 10.28
N LYS D 319 -32.42 -16.20 9.55
CA LYS D 319 -33.26 -17.29 10.08
C LYS D 319 -32.44 -18.54 10.47
N PRO D 320 -32.97 -19.37 11.39
CA PRO D 320 -32.34 -20.68 11.65
C PRO D 320 -32.48 -21.58 10.44
N MET D 321 -31.54 -22.51 10.28
CA MET D 321 -31.51 -23.46 9.16
C MET D 321 -31.43 -22.79 7.78
N ALA D 322 -30.89 -21.56 7.73
CA ALA D 322 -30.79 -20.78 6.49
C ALA D 322 -29.93 -21.45 5.43
N TYR D 323 -28.87 -22.11 5.89
CA TYR D 323 -27.96 -22.85 5.03
C TYR D 323 -28.30 -24.34 5.10
MN MN E . -2.57 33.17 -11.08
MN MN F . -1.00 30.05 -11.20
O2 8D4 G . -3.52 26.99 -10.82
C1 8D4 G . -4.19 27.77 -10.13
O1 8D4 G . -4.81 27.38 -9.11
C2 8D4 G . -4.25 29.23 -10.49
C3 8D4 G . -5.42 29.98 -10.43
N3 8D4 G . -5.09 31.24 -10.76
N2 8D4 G . -3.73 31.30 -11.04
N1 8D4 G . -3.22 30.01 -10.85
C4 8D4 G . -6.80 29.55 -10.06
C9 8D4 G . -7.38 28.38 -10.57
C8 8D4 G . -8.67 28.02 -10.18
C7 8D4 G . -9.40 28.82 -9.28
C6 8D4 G . -8.82 29.98 -8.76
C5 8D4 G . -7.51 30.34 -9.14
MN MN H . -9.41 7.98 -15.35
MN MN I . -10.31 5.94 -12.61
O2 8D4 J . -10.04 12.30 -13.04
C1 8D4 J . -9.27 11.36 -13.37
O1 8D4 J . -8.43 11.49 -14.28
C2 8D4 J . -9.40 10.05 -12.69
C3 8D4 J . -9.51 9.93 -11.30
N3 8D4 J . -9.66 8.62 -11.02
N2 8D4 J . -9.62 7.90 -12.22
N1 8D4 J . -9.47 8.83 -13.25
C4 8D4 J . -9.50 11.02 -10.27
C9 8D4 J . -8.46 11.95 -10.24
C8 8D4 J . -8.46 12.97 -9.28
C7 8D4 J . -9.50 13.05 -8.36
C6 8D4 J . -10.54 12.12 -8.38
C5 8D4 J . -10.54 11.10 -9.34
MN MN K . 37.10 -6.67 6.92
MN MN L . 36.90 -5.16 3.73
O2 8D4 M . 40.90 -7.95 7.71
C1 8D4 M . 40.83 -8.23 6.49
O1 8D4 M . 41.24 -9.31 6.02
C2 8D4 M . 40.22 -7.25 5.55
C3 8D4 M . 40.90 -6.76 4.43
N3 8D4 M . 40.06 -5.94 3.77
N2 8D4 M . 38.85 -5.90 4.47
N1 8D4 M . 38.97 -6.74 5.58
C4 8D4 M . 42.30 -7.05 3.99
C9 8D4 M . 43.37 -7.00 4.90
C8 8D4 M . 44.67 -7.29 4.46
C7 8D4 M . 44.90 -7.59 3.11
C6 8D4 M . 43.85 -7.63 2.22
C5 8D4 M . 42.54 -7.35 2.65
MN MN N . -28.56 -30.94 20.36
MN MN O . -27.13 -34.09 20.30
O2 8D4 P . -31.50 -31.12 16.54
C1 8D4 P . -31.37 -31.39 17.77
O1 8D4 P . -31.98 -30.73 18.63
C2 8D4 P . -30.48 -32.51 18.22
C3 8D4 P . -30.53 -33.79 17.65
N3 8D4 P . -29.58 -34.54 18.27
N2 8D4 P . -28.97 -33.74 19.23
N1 8D4 P . -29.55 -32.48 19.18
C4 8D4 P . -31.42 -34.28 16.55
C9 8D4 P . -32.80 -34.03 16.55
C8 8D4 P . -33.58 -34.49 15.49
C7 8D4 P . -33.01 -35.21 14.45
C6 8D4 P . -31.64 -35.46 14.45
C5 8D4 P . -30.84 -34.99 15.49
#